data_7MFU
#
_entry.id   7MFU
#
_cell.length_a   66.820
_cell.length_b   83.050
_cell.length_c   92.830
_cell.angle_alpha   90.000
_cell.angle_beta   106.711
_cell.angle_gamma   90.000
#
_symmetry.space_group_name_H-M   'P 1 21 1'
#
loop_
_entity.id
_entity.type
_entity.pdbx_description
1 polymer 'Spike protein S1'
2 polymer 'Synthetic Nanobody #14 (Sb14)'
3 polymer 'Synthetic nanobody #68 (Sb68)'
4 non-polymer 1,2-ETHANEDIOL
5 non-polymer GLYCEROL
6 water water
#
loop_
_entity_poly.entity_id
_entity_poly.type
_entity_poly.pdbx_seq_one_letter_code
_entity_poly.pdbx_strand_id
1 'polypeptide(L)'
;ITNLCPFGEVFNATRFASVYAWNRKRISNCVADYSVLYNSASFSTFKCYGVSPTKLNDLCFTNVYADSFVIRGDEVRQIA
PGQTGKIADYNYKLPDDFTGCVIAWNSNNLDSKVGGNYNYLYRLFRKSNLKPFERDISTEIYQAGSTPCNGVEGFNCYFP
LQSYGFQPTNGVGYQPYRVVVLSFELLHAPATVCGPK
;
A,D
2 'polypeptide(L)'
;QVQLVESGGGLVQAGGSLRLSCAASGFPVQAREMEWYRQAPGKEREWVAAIKSTGTYTAYAYSVKGRFTISRDNAKNTVY
LQMNSLKPEDTAVYYCYVYVGSSYIGQGTQVTVSA
;
B,E
3 'polypeptide(L)'
;SSQVQLVESGGGSVQAGGSLRLSCAASGSISSITYLGWFRQAPGKEREGVAALITVNGHTYYADSVKGRFTVSLDNAKNT
VYLQMNSLKPEDTALYYCAAAAWGYAWPLHQDDYWYWGQGTQVTVSA
;
C,F
#
# COMPACT_ATOMS: atom_id res chain seq x y z
N ILE A 1 -11.80 3.41 44.97
CA ILE A 1 -11.04 2.16 44.95
C ILE A 1 -11.92 0.99 44.48
N THR A 2 -11.86 -0.11 45.22
CA THR A 2 -12.66 -1.30 44.98
C THR A 2 -12.32 -1.94 43.63
N ASN A 3 -12.99 -1.48 42.57
CA ASN A 3 -12.77 -2.04 41.25
C ASN A 3 -11.61 -1.34 40.56
N LEU A 4 -10.87 -2.11 39.76
CA LEU A 4 -9.81 -1.51 38.95
C LEU A 4 -10.40 -0.51 37.97
N CYS A 5 -9.60 0.51 37.63
CA CYS A 5 -10.06 1.54 36.70
C CYS A 5 -10.24 0.97 35.30
N PRO A 6 -11.27 1.43 34.56
CA PRO A 6 -11.58 0.87 33.23
C PRO A 6 -10.66 1.37 32.12
N PHE A 7 -9.35 1.24 32.32
CA PHE A 7 -8.41 1.65 31.28
C PHE A 7 -8.54 0.79 30.03
N GLY A 8 -8.95 -0.47 30.18
CA GLY A 8 -9.14 -1.32 29.02
C GLY A 8 -10.15 -0.76 28.03
N GLU A 9 -11.21 -0.13 28.55
CA GLU A 9 -12.21 0.47 27.67
C GLU A 9 -11.61 1.58 26.83
N VAL A 10 -10.59 2.26 27.35
CA VAL A 10 -9.98 3.37 26.62
C VAL A 10 -8.96 2.85 25.61
N PHE A 11 -8.01 2.03 26.08
CA PHE A 11 -6.91 1.61 25.23
C PHE A 11 -7.35 0.57 24.20
N ASN A 12 -8.34 -0.25 24.53
CA ASN A 12 -8.76 -1.33 23.65
C ASN A 12 -10.03 -1.01 22.88
N ALA A 13 -10.44 0.26 22.86
CA ALA A 13 -11.61 0.64 22.07
C ALA A 13 -11.38 0.31 20.61
N THR A 14 -12.40 -0.28 19.97
CA THR A 14 -12.27 -0.64 18.56
C THR A 14 -12.20 0.59 17.67
N ARG A 15 -13.03 1.59 17.94
CA ARG A 15 -13.01 2.85 17.21
C ARG A 15 -12.36 3.94 18.05
N PHE A 16 -11.55 4.77 17.39
CA PHE A 16 -10.93 5.93 18.00
C PHE A 16 -11.42 7.19 17.31
N ALA A 17 -11.41 8.30 18.04
CA ALA A 17 -11.88 9.57 17.49
C ALA A 17 -10.84 10.21 16.56
N SER A 18 -11.34 11.02 15.62
CA SER A 18 -10.48 11.98 14.92
C SER A 18 -9.99 13.02 15.90
N VAL A 19 -8.75 13.51 15.69
CA VAL A 19 -8.11 14.40 16.65
C VAL A 19 -8.90 15.69 16.85
N TYR A 20 -9.51 16.23 15.77
CA TYR A 20 -10.28 17.45 15.95
C TYR A 20 -11.48 17.24 16.86
N ALA A 21 -12.00 16.02 16.89
CA ALA A 21 -13.16 15.66 17.71
C ALA A 21 -12.75 14.71 18.83
N TRP A 22 -11.62 15.02 19.47
CA TRP A 22 -10.97 14.09 20.39
C TRP A 22 -11.91 13.69 21.51
N ASN A 23 -11.77 12.45 21.98
CA ASN A 23 -12.67 11.97 23.01
C ASN A 23 -12.05 12.12 24.40
N ARG A 24 -12.89 12.39 25.40
CA ARG A 24 -12.47 12.45 26.79
C ARG A 24 -13.33 11.51 27.62
N LYS A 25 -12.68 10.68 28.44
CA LYS A 25 -13.36 9.83 29.41
C LYS A 25 -12.86 10.18 30.81
N ARG A 26 -13.78 10.42 31.74
CA ARG A 26 -13.36 10.66 33.11
C ARG A 26 -13.23 9.34 33.87
N ILE A 27 -12.18 9.24 34.67
CA ILE A 27 -11.84 8.07 35.46
C ILE A 27 -11.83 8.51 36.93
N SER A 28 -12.63 7.84 37.75
CA SER A 28 -12.68 8.17 39.17
C SER A 28 -13.17 6.97 39.97
N ASN A 29 -12.94 7.04 41.29
CA ASN A 29 -13.46 6.04 42.23
C ASN A 29 -13.01 4.62 41.86
N CYS A 30 -11.70 4.46 41.63
CA CYS A 30 -11.20 3.17 41.20
C CYS A 30 -9.71 3.06 41.51
N VAL A 31 -9.21 1.84 41.45
CA VAL A 31 -7.80 1.54 41.67
C VAL A 31 -7.12 1.52 40.32
N ALA A 32 -6.10 2.35 40.15
CA ALA A 32 -5.42 2.51 38.86
C ALA A 32 -4.07 1.80 38.90
N ASP A 33 -3.84 0.89 37.95
CA ASP A 33 -2.58 0.19 37.80
C ASP A 33 -1.90 0.71 36.54
N TYR A 34 -1.06 1.73 36.70
CA TYR A 34 -0.36 2.31 35.56
C TYR A 34 0.87 1.49 35.18
N SER A 35 1.48 0.82 36.16
CA SER A 35 2.71 0.09 35.91
C SER A 35 2.50 -1.02 34.88
N VAL A 36 1.35 -1.69 34.93
CA VAL A 36 1.09 -2.77 33.99
C VAL A 36 0.98 -2.24 32.56
N LEU A 37 0.57 -0.97 32.39
CA LEU A 37 0.59 -0.34 31.08
C LEU A 37 2.01 0.08 30.69
N TYR A 38 2.72 0.71 31.63
CA TYR A 38 4.08 1.19 31.34
C TYR A 38 5.03 0.05 31.02
N ASN A 39 4.93 -1.07 31.75
CA ASN A 39 5.86 -2.19 31.59
C ASN A 39 5.52 -3.10 30.42
N SER A 40 4.38 -2.91 29.77
CA SER A 40 3.94 -3.84 28.74
C SER A 40 4.81 -3.71 27.50
N ALA A 41 4.52 -4.54 26.50
CA ALA A 41 5.14 -4.45 25.19
C ALA A 41 4.33 -3.60 24.23
N SER A 42 3.34 -2.88 24.73
CA SER A 42 2.24 -2.40 23.90
C SER A 42 2.49 -1.06 23.24
N PHE A 43 3.26 -0.17 23.85
CA PHE A 43 3.32 1.21 23.42
C PHE A 43 4.71 1.61 22.94
N SER A 44 4.75 2.49 21.93
CA SER A 44 6.03 3.04 21.50
C SER A 44 6.35 4.36 22.17
N THR A 45 5.34 5.06 22.70
CA THR A 45 5.59 6.25 23.51
C THR A 45 4.83 6.12 24.82
N PHE A 46 5.53 6.41 25.92
CA PHE A 46 4.90 6.57 27.24
C PHE A 46 5.75 7.64 27.93
N LYS A 47 5.31 8.89 27.81
CA LYS A 47 6.13 10.02 28.26
C LYS A 47 5.34 10.87 29.24
N CYS A 48 5.92 11.15 30.40
CA CYS A 48 5.17 11.85 31.44
C CYS A 48 5.79 13.22 31.73
N TYR A 49 4.95 14.08 32.28
CA TYR A 49 5.28 15.47 32.59
C TYR A 49 4.77 15.76 33.99
N GLY A 50 5.67 16.19 34.88
CA GLY A 50 5.29 16.52 36.25
C GLY A 50 5.19 15.34 37.19
N VAL A 51 5.40 14.11 36.70
CA VAL A 51 5.40 12.91 37.51
C VAL A 51 6.48 11.97 36.98
N SER A 52 7.00 11.11 37.84
CA SER A 52 7.90 10.05 37.40
C SER A 52 7.07 8.87 36.90
N PRO A 53 7.35 8.36 35.69
CA PRO A 53 6.50 7.29 35.15
C PRO A 53 6.60 5.98 35.89
N THR A 54 7.71 5.71 36.58
CA THR A 54 7.89 4.44 37.27
C THR A 54 7.32 4.45 38.68
N LYS A 55 6.83 5.61 39.15
CA LYS A 55 6.21 5.70 40.46
C LYS A 55 4.74 6.08 40.36
N LEU A 56 4.13 5.92 39.19
CA LEU A 56 2.74 6.33 39.01
C LEU A 56 1.81 5.59 39.96
N ASN A 57 2.09 4.30 40.22
CA ASN A 57 1.25 3.52 41.13
C ASN A 57 1.34 4.02 42.57
N ASP A 58 2.31 4.87 42.90
CA ASP A 58 2.45 5.40 44.25
C ASP A 58 1.62 6.66 44.47
N LEU A 59 0.96 7.17 43.44
CA LEU A 59 0.35 8.50 43.50
C LEU A 59 -1.16 8.40 43.62
N CYS A 60 -1.75 9.51 44.07
CA CYS A 60 -3.18 9.63 44.29
C CYS A 60 -3.67 10.94 43.67
N PHE A 61 -4.76 10.89 42.92
CA PHE A 61 -5.31 12.09 42.31
C PHE A 61 -6.82 12.18 42.54
N THR A 62 -7.34 13.39 42.38
CA THR A 62 -8.77 13.63 42.53
C THR A 62 -9.55 13.02 41.38
N ASN A 63 -9.13 13.30 40.14
CA ASN A 63 -9.69 12.63 38.98
C ASN A 63 -8.60 12.36 37.98
N VAL A 64 -8.86 11.43 37.06
CA VAL A 64 -7.99 11.23 35.91
C VAL A 64 -8.86 11.40 34.68
N TYR A 65 -8.31 12.05 33.66
CA TYR A 65 -8.99 12.15 32.38
C TYR A 65 -8.19 11.38 31.34
N ALA A 66 -8.88 10.68 30.45
CA ALA A 66 -8.25 9.92 29.38
C ALA A 66 -8.77 10.44 28.05
N ASP A 67 -7.95 11.20 27.33
CA ASP A 67 -8.30 11.70 26.01
C ASP A 67 -7.68 10.80 24.96
N SER A 68 -8.40 10.57 23.87
CA SER A 68 -7.87 9.66 22.87
C SER A 68 -8.25 10.12 21.47
N PHE A 69 -7.35 9.80 20.54
CA PHE A 69 -7.51 10.21 19.15
C PHE A 69 -6.43 9.53 18.32
N VAL A 70 -6.50 9.74 16.99
CA VAL A 70 -5.52 9.23 16.04
C VAL A 70 -4.85 10.39 15.31
N ILE A 71 -3.52 10.32 15.19
CA ILE A 71 -2.74 11.30 14.42
C ILE A 71 -1.61 10.57 13.70
N ARG A 72 -0.84 11.32 12.91
CA ARG A 72 0.36 10.76 12.29
C ARG A 72 1.44 10.49 13.33
N GLY A 73 2.27 9.49 13.06
CA GLY A 73 3.39 9.21 13.96
C GLY A 73 4.26 10.42 14.25
N ASP A 74 4.67 11.13 13.19
CA ASP A 74 5.54 12.27 13.42
C ASP A 74 4.80 13.48 13.98
N GLU A 75 3.51 13.36 14.26
CA GLU A 75 2.77 14.38 14.98
C GLU A 75 2.66 14.08 16.47
N VAL A 76 3.10 12.90 16.92
CA VAL A 76 2.94 12.55 18.33
C VAL A 76 3.68 13.55 19.22
N ARG A 77 4.80 14.09 18.74
CA ARG A 77 5.56 15.05 19.56
C ARG A 77 4.87 16.40 19.68
N GLN A 78 3.82 16.68 18.88
CA GLN A 78 3.01 17.87 19.17
C GLN A 78 2.09 17.68 20.36
N ILE A 79 1.91 16.46 20.83
CA ILE A 79 1.07 16.20 21.99
C ILE A 79 1.95 16.31 23.23
N ALA A 80 2.31 17.54 23.58
CA ALA A 80 3.23 17.81 24.68
C ALA A 80 3.09 19.28 25.04
N PRO A 81 3.38 19.66 26.29
CA PRO A 81 3.34 21.09 26.62
C PRO A 81 4.34 21.89 25.78
N GLY A 82 3.94 23.10 25.42
CA GLY A 82 4.83 24.05 24.77
C GLY A 82 5.11 23.81 23.30
N GLN A 83 4.30 23.02 22.63
CA GLN A 83 4.53 22.69 21.23
C GLN A 83 3.69 23.57 20.32
N THR A 84 4.18 23.76 19.09
CA THR A 84 3.42 24.42 18.05
C THR A 84 3.30 23.48 16.85
N GLY A 85 2.44 23.86 15.92
CA GLY A 85 2.11 23.04 14.77
C GLY A 85 0.60 22.95 14.60
N LYS A 86 0.21 22.36 13.46
CA LYS A 86 -1.22 22.37 13.15
C LYS A 86 -2.02 21.52 14.14
N ILE A 87 -1.41 20.46 14.70
CA ILE A 87 -2.13 19.64 15.67
C ILE A 87 -2.21 20.36 17.02
N ALA A 88 -1.05 20.79 17.55
CA ALA A 88 -1.03 21.45 18.84
C ALA A 88 -1.82 22.76 18.82
N ASP A 89 -1.85 23.45 17.68
CA ASP A 89 -2.50 24.75 17.64
C ASP A 89 -3.95 24.70 17.21
N TYR A 90 -4.34 23.78 16.31
CA TYR A 90 -5.70 23.78 15.79
C TYR A 90 -6.55 22.60 16.23
N ASN A 91 -5.97 21.59 16.89
CA ASN A 91 -6.69 20.33 17.10
C ASN A 91 -6.74 19.90 18.57
N TYR A 92 -5.59 19.78 19.22
CA TYR A 92 -5.53 19.34 20.61
C TYR A 92 -4.34 19.98 21.28
N LYS A 93 -4.58 20.75 22.34
CA LYS A 93 -3.58 21.60 22.96
C LYS A 93 -3.40 21.21 24.42
N LEU A 94 -2.14 20.96 24.82
CA LEU A 94 -1.86 20.73 26.24
C LEU A 94 -1.40 22.02 26.91
N PRO A 95 -1.72 22.22 28.19
CA PRO A 95 -1.27 23.42 28.89
C PRO A 95 0.21 23.33 29.22
N ASP A 96 0.80 24.51 29.47
CA ASP A 96 2.21 24.56 29.86
C ASP A 96 2.48 23.76 31.12
N ASP A 97 1.56 23.84 32.10
CA ASP A 97 1.74 23.16 33.38
C ASP A 97 1.11 21.77 33.41
N PHE A 98 1.04 21.10 32.26
CA PHE A 98 0.47 19.77 32.16
C PHE A 98 1.12 18.81 33.15
N THR A 99 0.29 18.09 33.90
CA THR A 99 0.72 16.98 34.75
C THR A 99 0.02 15.74 34.23
N GLY A 100 0.78 14.80 33.68
CA GLY A 100 0.16 13.61 33.13
C GLY A 100 1.10 12.91 32.17
N CYS A 101 0.54 11.94 31.45
CA CYS A 101 1.34 11.12 30.56
C CYS A 101 0.69 11.04 29.19
N VAL A 102 1.52 10.92 28.16
CA VAL A 102 1.09 10.75 26.78
C VAL A 102 1.57 9.39 26.30
N ILE A 103 0.63 8.58 25.82
CA ILE A 103 0.89 7.19 25.47
C ILE A 103 0.48 7.01 24.02
N ALA A 104 1.33 6.39 23.21
CA ALA A 104 1.01 6.24 21.80
C ALA A 104 1.53 4.90 21.29
N TRP A 105 0.83 4.40 20.27
CA TRP A 105 1.27 3.19 19.60
C TRP A 105 0.89 3.24 18.12
N ASN A 106 1.71 2.58 17.30
CA ASN A 106 1.46 2.53 15.87
C ASN A 106 0.22 1.70 15.58
N SER A 107 -0.71 2.25 14.80
CA SER A 107 -1.99 1.59 14.51
C SER A 107 -2.18 1.38 13.02
N ASN A 108 -1.07 1.21 12.29
CA ASN A 108 -1.13 1.05 10.83
C ASN A 108 -2.03 -0.12 10.42
N ASN A 109 -1.99 -1.21 11.18
CA ASN A 109 -2.76 -2.39 10.79
C ASN A 109 -4.23 -2.29 11.14
N LEU A 110 -4.63 -1.25 11.87
CA LEU A 110 -6.04 -1.00 12.16
C LEU A 110 -6.59 0.18 11.39
N ASP A 111 -5.80 1.24 11.21
CA ASP A 111 -6.33 2.53 10.79
C ASP A 111 -5.88 2.97 9.40
N SER A 112 -4.97 2.24 8.77
CA SER A 112 -4.65 2.44 7.36
C SER A 112 -5.39 1.43 6.52
N LYS A 113 -5.62 1.79 5.25
CA LYS A 113 -6.29 0.89 4.34
C LYS A 113 -5.61 0.93 2.98
N VAL A 114 -5.60 -0.23 2.30
CA VAL A 114 -5.23 -0.25 0.90
C VAL A 114 -6.15 0.71 0.16
N GLY A 115 -5.57 1.65 -0.57
CA GLY A 115 -6.32 2.70 -1.21
C GLY A 115 -6.51 3.95 -0.40
N GLY A 116 -6.20 3.91 0.89
CA GLY A 116 -6.30 5.07 1.78
C GLY A 116 -7.52 4.96 2.67
N ASN A 117 -7.33 5.33 3.93
CA ASN A 117 -8.43 5.50 4.88
C ASN A 117 -8.73 6.98 4.97
N TYR A 118 -9.96 7.37 4.66
CA TYR A 118 -10.34 8.78 4.69
C TYR A 118 -11.20 9.14 5.90
N ASN A 119 -11.44 8.19 6.81
CA ASN A 119 -12.34 8.43 7.93
C ASN A 119 -11.74 9.37 8.98
N TYR A 120 -10.42 9.39 9.14
CA TYR A 120 -9.78 10.22 10.16
C TYR A 120 -9.46 11.60 9.61
N LEU A 121 -9.85 12.64 10.35
CA LEU A 121 -9.73 14.02 9.94
C LEU A 121 -8.92 14.82 10.94
N TYR A 122 -8.40 15.96 10.46
CA TYR A 122 -7.77 16.97 11.30
C TYR A 122 -8.18 18.34 10.82
N ARG A 123 -8.11 19.33 11.72
CA ARG A 123 -8.40 20.70 11.34
C ARG A 123 -7.16 21.33 10.72
N LEU A 124 -7.30 21.82 9.50
CA LEU A 124 -6.20 22.40 8.72
C LEU A 124 -6.18 23.92 8.78
N PHE A 125 -7.33 24.56 9.01
CA PHE A 125 -7.47 26.02 9.00
C PHE A 125 -8.26 26.48 10.20
N ARG A 126 -7.76 27.50 10.89
CA ARG A 126 -8.45 28.08 12.04
C ARG A 126 -7.99 29.51 12.24
N LYS A 127 -8.92 30.37 12.67
CA LYS A 127 -8.61 31.79 12.83
C LYS A 127 -7.62 32.04 13.95
N SER A 128 -7.64 31.21 15.00
CA SER A 128 -6.79 31.41 16.15
C SER A 128 -6.46 30.05 16.76
N ASN A 129 -5.54 30.05 17.71
CA ASN A 129 -5.13 28.81 18.35
C ASN A 129 -6.13 28.39 19.42
N LEU A 130 -6.22 27.07 19.61
CA LEU A 130 -7.03 26.52 20.70
C LEU A 130 -6.44 26.87 22.06
N LYS A 131 -7.32 27.04 23.03
CA LYS A 131 -6.93 27.03 24.43
C LYS A 131 -6.58 25.60 24.84
N PRO A 132 -5.83 25.43 25.93
CA PRO A 132 -5.55 24.08 26.41
C PRO A 132 -6.84 23.32 26.69
N PHE A 133 -6.88 22.07 26.22
CA PHE A 133 -8.01 21.16 26.39
C PHE A 133 -9.29 21.69 25.73
N GLU A 134 -9.16 22.57 24.73
CA GLU A 134 -10.32 23.03 23.98
C GLU A 134 -10.59 22.07 22.82
N ARG A 135 -11.87 22.00 22.44
CA ARG A 135 -12.30 21.20 21.30
C ARG A 135 -13.13 22.06 20.37
N ASP A 136 -12.85 21.94 19.07
CA ASP A 136 -13.57 22.67 18.02
C ASP A 136 -13.99 21.65 16.98
N ILE A 137 -15.30 21.42 16.85
CA ILE A 137 -15.82 20.49 15.87
C ILE A 137 -16.61 21.21 14.77
N SER A 138 -16.55 22.53 14.72
CA SER A 138 -17.29 23.28 13.72
C SER A 138 -16.77 23.01 12.32
N THR A 139 -17.65 23.17 11.34
CA THR A 139 -17.28 23.04 9.93
C THR A 139 -17.58 24.31 9.16
N GLU A 140 -17.47 25.46 9.82
CA GLU A 140 -17.70 26.72 9.14
C GLU A 140 -16.64 26.94 8.06
N ILE A 141 -17.06 27.46 6.91
CA ILE A 141 -16.14 27.74 5.83
C ILE A 141 -15.18 28.84 6.26
N TYR A 142 -13.89 28.61 6.02
CA TYR A 142 -12.84 29.53 6.43
C TYR A 142 -12.63 30.57 5.34
N GLN A 143 -12.81 31.84 5.69
CA GLN A 143 -12.68 32.94 4.74
C GLN A 143 -11.22 33.35 4.65
N ALA A 144 -10.56 32.94 3.57
CA ALA A 144 -9.14 33.25 3.38
C ALA A 144 -8.92 34.56 2.64
N GLY A 145 -9.90 35.02 1.87
CA GLY A 145 -9.79 36.27 1.13
C GLY A 145 -10.66 37.36 1.72
N SER A 146 -10.87 38.40 0.91
CA SER A 146 -11.66 39.55 1.35
C SER A 146 -13.15 39.32 1.16
N THR A 147 -13.53 38.46 0.21
CA THR A 147 -14.93 38.21 -0.08
C THR A 147 -15.52 37.22 0.93
N PRO A 148 -16.72 37.48 1.44
CA PRO A 148 -17.32 36.54 2.40
C PRO A 148 -17.76 35.26 1.70
N CYS A 149 -17.82 34.18 2.47
CA CYS A 149 -18.10 32.87 1.91
C CYS A 149 -19.56 32.47 1.97
N ASN A 150 -20.31 32.97 2.96
CA ASN A 150 -21.73 32.66 3.11
C ASN A 150 -21.98 31.15 3.06
N GLY A 151 -21.11 30.39 3.72
CA GLY A 151 -21.29 28.97 3.90
C GLY A 151 -20.97 28.10 2.71
N VAL A 152 -20.36 28.65 1.66
CA VAL A 152 -20.11 27.91 0.43
C VAL A 152 -18.61 27.70 0.27
N GLU A 153 -18.19 26.43 0.21
CA GLU A 153 -16.81 26.12 -0.11
C GLU A 153 -16.50 26.50 -1.55
N GLY A 154 -15.36 27.15 -1.76
CA GLY A 154 -15.02 27.61 -3.08
C GLY A 154 -13.75 28.45 -3.07
N PHE A 155 -13.69 29.41 -3.99
CA PHE A 155 -12.49 30.21 -4.20
C PHE A 155 -12.15 31.01 -2.96
N ASN A 156 -10.97 30.77 -2.39
CA ASN A 156 -10.50 31.40 -1.16
C ASN A 156 -11.48 31.19 -0.01
N CYS A 157 -12.27 30.12 -0.07
CA CYS A 157 -13.28 29.79 0.94
C CYS A 157 -13.09 28.31 1.26
N TYR A 158 -12.29 28.04 2.29
CA TYR A 158 -11.75 26.71 2.55
C TYR A 158 -12.66 25.92 3.49
N PHE A 159 -12.92 24.66 3.14
CA PHE A 159 -13.44 23.76 4.14
C PHE A 159 -12.37 23.52 5.19
N PRO A 160 -12.68 23.68 6.48
CA PRO A 160 -11.61 23.74 7.49
C PRO A 160 -10.99 22.40 7.86
N LEU A 161 -11.67 21.28 7.62
CA LEU A 161 -11.12 19.98 7.97
C LEU A 161 -10.48 19.32 6.76
N GLN A 162 -9.67 18.30 7.03
CA GLN A 162 -8.90 17.60 6.02
C GLN A 162 -8.76 16.13 6.42
N SER A 163 -8.97 15.24 5.46
CA SER A 163 -8.74 13.82 5.70
C SER A 163 -7.24 13.48 5.70
N TYR A 164 -6.84 12.60 6.61
CA TYR A 164 -5.45 12.15 6.64
C TYR A 164 -5.11 11.28 5.43
N GLY A 165 -6.06 10.50 4.93
CA GLY A 165 -5.76 9.55 3.86
C GLY A 165 -4.71 8.53 4.22
N PHE A 166 -4.75 8.01 5.45
CA PHE A 166 -3.77 7.05 5.94
C PHE A 166 -3.64 5.85 5.02
N GLN A 167 -2.44 5.60 4.53
CA GLN A 167 -2.24 4.46 3.65
C GLN A 167 -0.98 3.72 4.08
N PRO A 168 -0.97 2.39 3.97
CA PRO A 168 -0.02 1.59 4.76
C PRO A 168 1.41 1.53 4.24
N THR A 169 1.70 2.00 3.03
CA THR A 169 3.04 1.85 2.47
C THR A 169 3.92 3.07 2.70
N ASN A 170 3.41 4.13 3.33
CA ASN A 170 4.29 5.21 3.75
C ASN A 170 5.09 4.76 4.98
N GLY A 171 6.20 5.45 5.22
CA GLY A 171 6.97 5.23 6.43
C GLY A 171 6.17 5.56 7.68
N VAL A 172 6.69 5.10 8.83
CA VAL A 172 5.92 5.13 10.07
C VAL A 172 5.53 6.54 10.49
N GLY A 173 6.36 7.54 10.18
CA GLY A 173 6.03 8.91 10.54
C GLY A 173 4.73 9.42 9.92
N TYR A 174 4.26 8.79 8.84
CA TYR A 174 2.99 9.17 8.23
C TYR A 174 1.95 8.07 8.39
N GLN A 175 2.26 7.05 9.18
CA GLN A 175 1.28 6.05 9.55
C GLN A 175 0.45 6.55 10.73
N PRO A 176 -0.76 6.02 10.88
CA PRO A 176 -1.59 6.43 12.02
C PRO A 176 -1.07 5.82 13.33
N TYR A 177 -1.12 6.63 14.37
CA TYR A 177 -0.86 6.22 15.74
C TYR A 177 -2.06 6.58 16.58
N ARG A 178 -2.42 5.65 17.47
CA ARG A 178 -3.43 5.91 18.48
C ARG A 178 -2.74 6.50 19.70
N VAL A 179 -3.38 7.52 20.26
CA VAL A 179 -2.82 8.33 21.33
C VAL A 179 -3.84 8.40 22.45
N VAL A 180 -3.36 8.15 23.69
CA VAL A 180 -4.14 8.31 24.91
C VAL A 180 -3.36 9.27 25.80
N VAL A 181 -4.01 10.37 26.19
CA VAL A 181 -3.44 11.35 27.11
C VAL A 181 -4.11 11.15 28.47
N LEU A 182 -3.33 10.87 29.50
CA LEU A 182 -3.84 10.75 30.85
C LEU A 182 -3.50 12.04 31.58
N SER A 183 -4.53 12.79 31.97
CA SER A 183 -4.37 14.00 32.77
C SER A 183 -4.66 13.68 34.22
N PHE A 184 -3.75 14.09 35.11
CA PHE A 184 -3.85 13.80 36.54
C PHE A 184 -4.30 15.08 37.26
N GLU A 185 -5.53 15.07 37.78
CA GLU A 185 -6.14 16.25 38.39
C GLU A 185 -6.14 16.09 39.90
N LEU A 186 -5.54 17.07 40.59
CA LEU A 186 -5.52 17.15 42.06
C LEU A 186 -6.21 18.44 42.48
N LEU A 187 -7.42 18.32 43.01
CA LEU A 187 -8.18 19.44 43.56
C LEU A 187 -8.04 19.45 45.07
N HIS A 188 -8.79 20.35 45.72
CA HIS A 188 -8.86 20.41 47.18
C HIS A 188 -9.95 19.51 47.74
N ALA A 189 -10.14 18.36 47.11
CA ALA A 189 -11.03 17.29 47.55
C ALA A 189 -10.20 16.03 47.77
N PRO A 190 -10.72 15.05 48.51
CA PRO A 190 -9.97 13.81 48.69
C PRO A 190 -9.73 13.12 47.36
N ALA A 191 -8.63 12.36 47.30
CA ALA A 191 -8.30 11.61 46.10
C ALA A 191 -9.22 10.41 45.97
N THR A 192 -9.66 10.13 44.74
CA THR A 192 -10.47 8.96 44.47
C THR A 192 -9.82 7.99 43.50
N VAL A 193 -8.65 8.32 42.95
CA VAL A 193 -7.93 7.46 42.02
C VAL A 193 -6.52 7.29 42.57
N CYS A 194 -6.25 6.14 43.19
CA CYS A 194 -4.93 5.82 43.73
C CYS A 194 -4.44 4.51 43.13
N GLY A 195 -3.12 4.33 43.15
CA GLY A 195 -2.52 3.05 42.80
C GLY A 195 -2.88 1.97 43.80
N PRO A 196 -2.47 0.74 43.51
CA PRO A 196 -2.89 -0.40 44.36
C PRO A 196 -2.27 -0.34 45.74
N LYS A 197 -3.03 -0.83 46.72
CA LYS A 197 -2.56 -1.04 48.09
C LYS A 197 -2.32 0.28 48.81
N GLN B 1 7.33 37.93 5.73
CA GLN B 1 6.04 37.26 5.58
C GLN B 1 6.15 36.01 4.70
N VAL B 2 5.46 34.95 5.13
CA VAL B 2 5.52 33.67 4.42
C VAL B 2 4.67 33.76 3.15
N GLN B 3 5.22 33.26 2.05
CA GLN B 3 4.44 33.14 0.82
C GLN B 3 4.84 31.88 0.06
N LEU B 4 3.85 31.25 -0.56
CA LEU B 4 4.05 30.09 -1.43
C LEU B 4 3.45 30.38 -2.80
N VAL B 5 4.19 30.09 -3.86
CA VAL B 5 3.69 30.30 -5.23
C VAL B 5 3.90 29.02 -6.03
N GLU B 6 2.80 28.39 -6.43
CA GLU B 6 2.86 27.18 -7.25
C GLU B 6 2.98 27.55 -8.72
N SER B 7 3.80 26.78 -9.45
CA SER B 7 3.96 26.91 -10.88
C SER B 7 3.98 25.52 -11.51
N GLY B 8 3.83 25.46 -12.82
CA GLY B 8 4.13 24.25 -13.57
C GLY B 8 2.94 23.53 -14.14
N GLY B 9 1.72 23.87 -13.71
CA GLY B 9 0.55 23.19 -14.21
C GLY B 9 0.28 23.50 -15.67
N GLY B 10 -0.56 22.66 -16.26
CA GLY B 10 -0.93 22.84 -17.65
C GLY B 10 -1.78 21.67 -18.09
N LEU B 11 -2.00 21.62 -19.41
CA LEU B 11 -2.77 20.57 -20.07
C LEU B 11 -1.81 19.53 -20.64
N VAL B 12 -2.00 18.27 -20.24
CA VAL B 12 -1.14 17.18 -20.67
C VAL B 12 -2.03 15.99 -21.06
N GLN B 13 -1.47 15.14 -21.93
CA GLN B 13 -2.11 13.88 -22.30
C GLN B 13 -1.87 12.82 -21.24
N ALA B 14 -2.82 11.90 -21.12
CA ALA B 14 -2.67 10.78 -20.19
C ALA B 14 -1.41 10.00 -20.52
N GLY B 15 -0.69 9.59 -19.47
CA GLY B 15 0.60 8.96 -19.62
C GLY B 15 1.77 9.93 -19.63
N GLY B 16 1.51 11.23 -19.75
CA GLY B 16 2.56 12.22 -19.77
C GLY B 16 3.03 12.62 -18.39
N SER B 17 3.91 13.62 -18.37
CA SER B 17 4.53 14.07 -17.13
C SER B 17 4.45 15.59 -17.01
N LEU B 18 4.51 16.06 -15.77
CA LEU B 18 4.59 17.48 -15.47
C LEU B 18 5.42 17.64 -14.20
N ARG B 19 6.16 18.73 -14.13
CA ARG B 19 6.95 19.05 -12.93
C ARG B 19 6.37 20.30 -12.30
N LEU B 20 5.73 20.15 -11.15
CA LEU B 20 5.22 21.32 -10.44
C LEU B 20 6.28 21.86 -9.49
N SER B 21 6.23 23.17 -9.27
CA SER B 21 7.15 23.78 -8.32
C SER B 21 6.38 24.66 -7.34
N CYS B 22 6.95 24.78 -6.15
CA CYS B 22 6.42 25.61 -5.07
CA CYS B 22 6.42 25.63 -5.09
C CYS B 22 7.56 26.50 -4.62
N ALA B 23 7.53 27.77 -5.00
CA ALA B 23 8.56 28.73 -4.61
C ALA B 23 8.14 29.36 -3.29
N ALA B 24 8.96 29.19 -2.26
CA ALA B 24 8.67 29.65 -0.92
C ALA B 24 9.49 30.89 -0.59
N SER B 25 8.86 31.80 0.14
CA SER B 25 9.51 33.00 0.67
C SER B 25 9.17 33.14 2.15
N GLY B 26 10.11 33.68 2.91
CA GLY B 26 9.87 34.00 4.31
C GLY B 26 10.34 32.96 5.31
N PHE B 27 10.81 31.81 4.84
CA PHE B 27 11.28 30.75 5.72
C PHE B 27 12.17 29.81 4.91
N PRO B 28 13.05 29.06 5.56
CA PRO B 28 13.84 28.05 4.84
C PRO B 28 13.04 26.77 4.63
N VAL B 29 13.04 26.27 3.40
CA VAL B 29 12.23 25.08 3.09
C VAL B 29 12.75 23.86 3.84
N GLN B 30 14.05 23.80 4.11
CA GLN B 30 14.61 22.65 4.82
C GLN B 30 14.21 22.62 6.28
N ALA B 31 13.67 23.71 6.83
CA ALA B 31 13.32 23.79 8.24
C ALA B 31 11.86 23.49 8.52
N ARG B 32 11.07 23.15 7.51
CA ARG B 32 9.63 22.99 7.66
C ARG B 32 9.13 21.85 6.80
N GLU B 33 8.16 21.10 7.32
CA GLU B 33 7.43 20.16 6.49
C GLU B 33 6.64 20.92 5.45
N MET B 34 6.73 20.51 4.20
CA MET B 34 5.93 21.12 3.15
C MET B 34 5.12 20.06 2.42
N GLU B 35 3.90 20.43 2.04
CA GLU B 35 2.93 19.44 1.57
C GLU B 35 2.26 19.90 0.30
N TRP B 36 1.83 18.94 -0.51
CA TRP B 36 0.99 19.20 -1.67
C TRP B 36 -0.38 18.61 -1.39
N TYR B 37 -1.41 19.43 -1.65
CA TYR B 37 -2.81 19.05 -1.69
C TYR B 37 -3.34 19.28 -3.09
N ARG B 38 -4.47 18.65 -3.40
CA ARG B 38 -5.11 18.92 -4.68
C ARG B 38 -6.62 18.87 -4.51
N GLN B 39 -7.31 19.61 -5.38
CA GLN B 39 -8.76 19.66 -5.29
C GLN B 39 -9.34 19.97 -6.66
N ALA B 40 -10.30 19.19 -7.06
CA ALA B 40 -11.12 19.38 -8.25
C ALA B 40 -12.47 19.96 -7.87
N PRO B 41 -13.11 20.74 -8.75
CA PRO B 41 -14.39 21.36 -8.42
C PRO B 41 -15.42 20.33 -7.97
N GLY B 42 -16.09 20.63 -6.86
CA GLY B 42 -17.10 19.73 -6.33
C GLY B 42 -16.58 18.48 -5.68
N LYS B 43 -15.27 18.40 -5.43
CA LYS B 43 -14.68 17.25 -4.78
C LYS B 43 -13.92 17.67 -3.53
N GLU B 44 -13.70 16.70 -2.66
CA GLU B 44 -13.01 16.93 -1.40
C GLU B 44 -11.52 17.17 -1.62
N ARG B 45 -10.94 18.07 -0.83
CA ARG B 45 -9.50 18.31 -0.90
C ARG B 45 -8.75 17.05 -0.52
N GLU B 46 -7.72 16.74 -1.30
CA GLU B 46 -7.01 15.48 -1.19
C GLU B 46 -5.54 15.73 -0.89
N TRP B 47 -5.05 15.12 0.17
CA TRP B 47 -3.62 15.18 0.48
C TRP B 47 -2.83 14.36 -0.54
N VAL B 48 -1.78 14.97 -1.10
CA VAL B 48 -1.01 14.36 -2.17
C VAL B 48 0.35 13.89 -1.69
N ALA B 49 1.10 14.76 -1.01
CA ALA B 49 2.47 14.37 -0.69
C ALA B 49 3.05 15.30 0.36
N ALA B 50 4.13 14.84 1.00
CA ALA B 50 4.82 15.65 2.00
C ALA B 50 6.33 15.37 1.98
N ILE B 51 7.09 16.41 2.36
CA ILE B 51 8.54 16.30 2.50
C ILE B 51 9.01 17.10 3.71
N LYS B 52 9.94 16.53 4.46
CA LYS B 52 10.58 17.21 5.59
C LYS B 52 11.93 16.54 5.85
N SER B 53 12.65 17.04 6.84
CA SER B 53 14.02 16.62 7.06
C SER B 53 14.23 15.87 8.37
N THR B 54 13.15 15.48 9.06
CA THR B 54 13.25 14.66 10.26
C THR B 54 12.27 13.51 10.16
N GLY B 55 12.52 12.46 10.95
CA GLY B 55 11.64 11.30 10.94
C GLY B 55 11.55 10.65 9.56
N THR B 56 10.33 10.42 9.10
CA THR B 56 10.08 9.96 7.74
C THR B 56 10.10 11.16 6.79
N TYR B 57 11.02 11.13 5.83
CA TYR B 57 11.30 12.34 5.05
C TYR B 57 10.25 12.63 3.98
N THR B 58 9.64 11.62 3.37
CA THR B 58 8.65 11.86 2.33
C THR B 58 7.48 10.92 2.53
N ALA B 59 6.34 11.29 1.96
CA ALA B 59 5.15 10.45 1.99
C ALA B 59 4.24 10.84 0.84
N TYR B 60 3.39 9.89 0.45
CA TYR B 60 2.51 10.01 -0.72
C TYR B 60 1.14 9.41 -0.44
N ALA B 61 0.12 9.99 -1.07
CA ALA B 61 -1.19 9.36 -1.13
C ALA B 61 -1.08 8.04 -1.87
N TYR B 62 -1.93 7.08 -1.49
CA TYR B 62 -1.82 5.73 -2.03
C TYR B 62 -1.83 5.73 -3.57
N SER B 63 -2.70 6.52 -4.17
CA SER B 63 -2.90 6.46 -5.62
C SER B 63 -1.82 7.17 -6.41
N VAL B 64 -0.97 7.98 -5.78
CA VAL B 64 0.12 8.62 -6.49
C VAL B 64 1.48 8.03 -6.16
N LYS B 65 1.57 7.20 -5.12
CA LYS B 65 2.85 6.57 -4.80
C LYS B 65 3.34 5.75 -5.98
N GLY B 66 4.62 5.93 -6.33
CA GLY B 66 5.20 5.28 -7.48
C GLY B 66 5.11 6.08 -8.75
N ARG B 67 4.20 7.04 -8.81
CA ARG B 67 4.08 7.92 -9.97
C ARG B 67 4.61 9.33 -9.71
N PHE B 68 4.49 9.82 -8.48
CA PHE B 68 4.90 11.17 -8.12
C PHE B 68 6.13 11.08 -7.23
N THR B 69 7.00 12.09 -7.34
CA THR B 69 8.16 12.23 -6.47
C THR B 69 8.24 13.66 -5.97
N ILE B 70 8.33 13.83 -4.66
CA ILE B 70 8.48 15.16 -4.07
C ILE B 70 9.96 15.35 -3.74
N SER B 71 10.46 16.56 -3.98
CA SER B 71 11.87 16.87 -3.72
C SER B 71 11.99 18.33 -3.34
N ARG B 72 13.22 18.74 -2.99
CA ARG B 72 13.45 20.06 -2.42
C ARG B 72 14.81 20.57 -2.86
N ASP B 73 14.86 21.85 -3.27
CA ASP B 73 16.11 22.53 -3.57
C ASP B 73 16.25 23.69 -2.58
N ASN B 74 17.13 23.48 -1.59
CA ASN B 74 17.34 24.47 -0.55
C ASN B 74 17.85 25.79 -1.13
N ALA B 75 18.77 25.72 -2.08
CA ALA B 75 19.39 26.94 -2.61
C ALA B 75 18.36 27.82 -3.29
N LYS B 76 17.40 27.22 -3.99
CA LYS B 76 16.33 27.96 -4.62
C LYS B 76 15.10 28.09 -3.73
N ASN B 77 15.16 27.59 -2.49
CA ASN B 77 14.03 27.60 -1.56
C ASN B 77 12.75 27.13 -2.25
N THR B 78 12.83 25.96 -2.88
CA THR B 78 11.71 25.50 -3.69
C THR B 78 11.46 24.02 -3.44
N VAL B 79 10.19 23.62 -3.45
CA VAL B 79 9.82 22.21 -3.41
C VAL B 79 9.22 21.82 -4.76
N TYR B 80 9.55 20.64 -5.24
CA TYR B 80 9.08 20.16 -6.53
C TYR B 80 8.22 18.92 -6.36
N LEU B 81 7.24 18.78 -7.25
CA LEU B 81 6.43 17.55 -7.35
C LEU B 81 6.53 17.09 -8.80
N GLN B 82 7.37 16.08 -9.04
CA GLN B 82 7.47 15.45 -10.35
C GLN B 82 6.32 14.46 -10.48
N MET B 83 5.48 14.63 -11.50
CA MET B 83 4.30 13.79 -11.69
C MET B 83 4.47 13.05 -13.01
N ASN B 84 4.66 11.73 -12.91
CA ASN B 84 4.76 10.86 -14.07
C ASN B 84 3.48 10.03 -14.23
N SER B 85 3.33 9.44 -15.41
CA SER B 85 2.22 8.51 -15.68
C SER B 85 0.87 9.13 -15.34
N LEU B 86 0.67 10.37 -15.79
CA LEU B 86 -0.52 11.13 -15.38
C LEU B 86 -1.79 10.52 -15.96
N LYS B 87 -2.85 10.56 -15.17
CA LYS B 87 -4.15 10.00 -15.50
C LYS B 87 -5.22 11.08 -15.41
N PRO B 88 -6.33 10.92 -16.13
CA PRO B 88 -7.41 11.93 -16.02
C PRO B 88 -7.87 12.17 -14.59
N GLU B 89 -7.80 11.17 -13.72
CA GLU B 89 -8.18 11.37 -12.31
C GLU B 89 -7.19 12.24 -11.56
N ASP B 90 -6.08 12.64 -12.18
CA ASP B 90 -5.15 13.58 -11.57
C ASP B 90 -5.51 15.03 -11.85
N THR B 91 -6.50 15.28 -12.71
CA THR B 91 -6.93 16.64 -12.99
C THR B 91 -7.44 17.32 -11.72
N ALA B 92 -6.89 18.51 -11.42
CA ALA B 92 -7.20 19.22 -10.18
C ALA B 92 -6.36 20.48 -10.13
N VAL B 93 -6.73 21.39 -9.22
CA VAL B 93 -5.81 22.45 -8.81
C VAL B 93 -4.89 21.89 -7.73
N TYR B 94 -3.59 22.09 -7.88
CA TYR B 94 -2.59 21.62 -6.93
C TYR B 94 -2.07 22.80 -6.12
N TYR B 95 -2.01 22.61 -4.80
CA TYR B 95 -1.65 23.64 -3.84
C TYR B 95 -0.49 23.16 -2.99
N CYS B 96 0.44 24.07 -2.71
CA CYS B 96 1.54 23.86 -1.79
CA CYS B 96 1.48 23.77 -1.75
C CYS B 96 1.17 24.45 -0.43
N TYR B 97 1.67 23.83 0.64
CA TYR B 97 1.23 24.17 1.99
C TYR B 97 2.40 24.08 2.96
N VAL B 98 2.42 25.02 3.92
CA VAL B 98 3.35 24.94 5.05
C VAL B 98 2.68 25.51 6.30
N TYR B 99 3.09 25.00 7.45
CA TYR B 99 2.67 25.56 8.73
C TYR B 99 3.86 26.28 9.35
N VAL B 100 3.74 27.60 9.51
CA VAL B 100 4.77 28.40 10.16
C VAL B 100 4.04 29.31 11.15
N GLY B 101 3.76 28.76 12.33
CA GLY B 101 2.99 29.49 13.33
C GLY B 101 1.51 29.56 13.00
N SER B 102 1.17 29.30 11.73
CA SER B 102 -0.20 29.25 11.23
C SER B 102 -0.15 28.61 9.85
N SER B 103 -1.34 28.34 9.30
CA SER B 103 -1.44 27.64 8.02
C SER B 103 -1.24 28.59 6.86
N TYR B 104 -0.40 28.21 5.90
CA TYR B 104 -0.19 28.94 4.66
C TYR B 104 -0.40 28.00 3.48
N ILE B 105 -1.18 28.45 2.51
CA ILE B 105 -1.44 27.68 1.31
C ILE B 105 -1.42 28.64 0.13
N GLY B 106 -0.90 28.18 -0.99
CA GLY B 106 -0.77 29.04 -2.14
C GLY B 106 -2.06 29.19 -2.92
N GLN B 107 -1.99 29.98 -3.99
CA GLN B 107 -3.12 30.16 -4.89
C GLN B 107 -3.35 28.94 -5.80
N GLY B 108 -2.34 28.09 -5.97
CA GLY B 108 -2.49 26.85 -6.71
C GLY B 108 -2.09 26.97 -8.17
N THR B 109 -1.99 25.80 -8.80
CA THR B 109 -1.70 25.69 -10.22
C THR B 109 -2.59 24.60 -10.83
N GLN B 110 -3.20 24.89 -11.97
CA GLN B 110 -4.16 23.97 -12.56
C GLN B 110 -3.46 22.89 -13.38
N VAL B 111 -3.83 21.63 -13.14
CA VAL B 111 -3.36 20.49 -13.90
C VAL B 111 -4.57 19.83 -14.54
N THR B 112 -4.52 19.66 -15.86
CA THR B 112 -5.57 18.99 -16.60
C THR B 112 -4.97 17.87 -17.43
N VAL B 113 -5.51 16.67 -17.29
CA VAL B 113 -5.00 15.49 -17.98
C VAL B 113 -6.12 14.96 -18.87
N SER B 114 -5.92 15.05 -20.18
CA SER B 114 -6.89 14.52 -21.12
C SER B 114 -6.68 13.03 -21.33
N ALA B 115 -7.75 12.33 -21.65
CA ALA B 115 -7.71 10.88 -21.80
C ALA B 115 -7.15 10.47 -23.16
N SER C 1 22.14 19.08 31.47
CA SER C 1 22.73 19.33 32.78
C SER C 1 23.59 18.16 33.24
N SER C 2 23.98 18.17 34.51
CA SER C 2 24.91 17.19 35.04
C SER C 2 24.24 16.17 35.96
N GLN C 3 22.91 16.21 36.11
CA GLN C 3 22.22 15.24 36.95
C GLN C 3 22.59 13.82 36.57
N VAL C 4 22.55 13.50 35.27
CA VAL C 4 23.04 12.23 34.77
C VAL C 4 24.24 12.50 33.85
N GLN C 5 25.34 11.82 34.11
CA GLN C 5 26.57 11.95 33.35
C GLN C 5 26.81 10.69 32.55
N LEU C 6 27.11 10.84 31.27
CA LEU C 6 27.33 9.73 30.35
C LEU C 6 28.71 9.88 29.72
N VAL C 7 29.51 8.82 29.78
CA VAL C 7 30.83 8.82 29.15
C VAL C 7 30.91 7.64 28.19
N GLU C 8 31.06 7.94 26.89
CA GLU C 8 31.18 6.93 25.86
C GLU C 8 32.64 6.52 25.66
N SER C 9 32.81 5.31 25.15
CA SER C 9 34.09 4.85 24.62
C SER C 9 33.81 3.72 23.64
N GLY C 10 34.86 3.26 22.96
CA GLY C 10 34.77 2.10 22.10
C GLY C 10 34.74 2.38 20.61
N GLY C 11 34.61 3.63 20.20
CA GLY C 11 34.56 3.95 18.80
C GLY C 11 35.88 3.66 18.11
N GLY C 12 35.91 3.94 16.82
CA GLY C 12 37.16 3.84 16.10
C GLY C 12 36.93 3.54 14.63
N SER C 13 38.03 3.18 13.97
CA SER C 13 38.04 2.89 12.54
C SER C 13 38.06 1.40 12.31
N VAL C 14 37.28 0.94 11.33
CA VAL C 14 37.19 -0.46 10.99
C VAL C 14 36.85 -0.59 9.52
N GLN C 15 37.21 -1.72 8.92
CA GLN C 15 36.88 -1.99 7.54
C GLN C 15 35.47 -2.56 7.45
N ALA C 16 34.83 -2.33 6.29
CA ALA C 16 33.50 -2.85 6.04
C ALA C 16 33.44 -4.34 6.34
N GLY C 17 32.41 -4.74 7.09
CA GLY C 17 32.27 -6.11 7.54
C GLY C 17 32.78 -6.39 8.93
N GLY C 18 33.57 -5.48 9.51
CA GLY C 18 34.08 -5.65 10.85
C GLY C 18 33.06 -5.30 11.90
N SER C 19 33.51 -5.33 13.15
CA SER C 19 32.62 -5.05 14.28
C SER C 19 33.30 -4.13 15.28
N LEU C 20 32.47 -3.41 16.03
CA LEU C 20 32.88 -2.57 17.14
C LEU C 20 31.92 -2.77 18.28
N ARG C 21 32.31 -2.32 19.47
CA ARG C 21 31.43 -2.33 20.64
C ARG C 21 31.58 -1.01 21.36
N LEU C 22 30.54 -0.19 21.33
CA LEU C 22 30.51 1.06 22.06
C LEU C 22 30.01 0.83 23.48
N SER C 23 30.58 1.59 24.42
CA SER C 23 30.22 1.55 25.82
C SER C 23 29.82 2.95 26.26
N CYS C 24 28.90 3.01 27.21
CA CYS C 24 28.43 4.28 27.77
CA CYS C 24 28.43 4.28 27.77
C CYS C 24 28.21 4.05 29.25
N ALA C 25 29.06 4.67 30.07
CA ALA C 25 28.98 4.55 31.52
C ALA C 25 28.21 5.73 32.09
N ALA C 26 27.19 5.42 32.90
CA ALA C 26 26.33 6.40 33.52
C ALA C 26 26.67 6.60 34.99
N SER C 27 26.60 7.85 35.44
CA SER C 27 26.78 8.19 36.84
C SER C 27 25.84 9.35 37.17
N GLY C 28 25.70 9.61 38.46
CA GLY C 28 24.84 10.69 38.93
C GLY C 28 23.49 10.15 39.38
N SER C 29 22.42 10.78 38.89
CA SER C 29 21.05 10.41 39.28
C SER C 29 20.57 9.21 38.47
N ILE C 30 21.26 8.08 38.63
CA ILE C 30 21.06 6.95 37.73
C ILE C 30 19.73 6.24 37.99
N SER C 31 19.21 6.28 39.22
CA SER C 31 17.94 5.60 39.47
C SER C 31 16.78 6.25 38.70
N SER C 32 16.92 7.50 38.29
CA SER C 32 15.88 8.20 37.55
C SER C 32 15.83 7.82 36.08
N ILE C 33 16.88 7.16 35.56
CA ILE C 33 16.96 6.88 34.12
C ILE C 33 15.89 5.86 33.75
N THR C 34 14.98 6.25 32.85
CA THR C 34 13.96 5.36 32.34
C THR C 34 14.32 4.76 31.00
N TYR C 35 15.25 5.38 30.28
CA TYR C 35 15.38 5.07 28.86
C TYR C 35 16.78 5.43 28.40
N LEU C 36 17.42 4.53 27.67
CA LEU C 36 18.75 4.77 27.12
C LEU C 36 18.68 4.68 25.61
N GLY C 37 19.24 5.68 24.93
CA GLY C 37 19.21 5.74 23.48
C GLY C 37 20.60 5.86 22.90
N TRP C 38 20.80 5.24 21.75
CA TRP C 38 21.97 5.46 20.90
C TRP C 38 21.49 6.20 19.67
N PHE C 39 22.03 7.41 19.48
CA PHE C 39 21.87 8.28 18.32
C PHE C 39 23.15 8.24 17.50
N ARG C 40 23.04 8.66 16.24
CA ARG C 40 24.24 8.89 15.45
C ARG C 40 23.99 10.05 14.50
N GLN C 41 25.08 10.73 14.14
CA GLN C 41 25.00 11.91 13.31
C GLN C 41 26.25 12.00 12.46
N ALA C 42 26.07 12.03 11.15
CA ALA C 42 27.12 12.42 10.24
C ALA C 42 27.01 13.92 9.96
N PRO C 43 28.11 14.61 9.68
CA PRO C 43 28.05 16.07 9.58
C PRO C 43 27.08 16.52 8.50
N GLY C 44 26.22 17.47 8.85
CA GLY C 44 25.21 17.98 7.94
C GLY C 44 23.92 17.19 7.88
N LYS C 45 23.85 16.04 8.54
CA LYS C 45 22.69 15.17 8.49
C LYS C 45 21.95 15.17 9.82
N GLU C 46 20.79 14.51 9.83
CA GLU C 46 19.97 14.42 11.02
C GLU C 46 20.63 13.58 12.10
N ARG C 47 20.52 14.01 13.36
CA ARG C 47 20.89 13.16 14.48
C ARG C 47 19.78 12.14 14.68
N GLU C 48 20.00 10.91 14.22
CA GLU C 48 18.94 9.92 14.11
C GLU C 48 19.10 8.84 15.18
N GLY C 49 17.97 8.26 15.56
CA GLY C 49 18.01 7.17 16.52
C GLY C 49 18.54 5.90 15.86
N VAL C 50 19.37 5.18 16.62
CA VAL C 50 19.91 3.90 16.21
C VAL C 50 19.29 2.76 16.99
N ALA C 51 19.29 2.87 18.32
CA ALA C 51 18.73 1.80 19.13
C ALA C 51 18.38 2.36 20.49
N ALA C 52 17.50 1.65 21.21
CA ALA C 52 17.08 2.13 22.52
C ALA C 52 16.70 0.97 23.42
N LEU C 53 16.77 1.21 24.72
CA LEU C 53 16.47 0.20 25.73
C LEU C 53 15.69 0.85 26.88
N ILE C 54 14.57 0.23 27.24
CA ILE C 54 13.74 0.65 28.36
C ILE C 54 14.28 -0.03 29.62
N THR C 55 14.62 0.76 30.64
CA THR C 55 15.33 0.19 31.77
C THR C 55 14.47 -0.64 32.70
N VAL C 56 13.14 -0.42 32.74
CA VAL C 56 12.32 -1.17 33.69
C VAL C 56 12.24 -2.65 33.31
N ASN C 57 12.33 -2.96 32.02
CA ASN C 57 12.11 -4.33 31.57
C ASN C 57 13.12 -4.80 30.53
N GLY C 58 14.05 -3.96 30.09
CA GLY C 58 15.02 -4.35 29.09
C GLY C 58 14.50 -4.44 27.68
N HIS C 59 13.30 -3.94 27.40
CA HIS C 59 12.77 -3.98 26.04
C HIS C 59 13.58 -3.06 25.14
N THR C 60 13.82 -3.49 23.91
CA THR C 60 14.71 -2.79 23.01
C THR C 60 14.00 -2.44 21.71
N TYR C 61 14.50 -1.38 21.09
CA TYR C 61 14.04 -0.91 19.79
C TYR C 61 15.26 -0.71 18.90
N TYR C 62 15.07 -0.93 17.59
CA TYR C 62 16.14 -0.78 16.62
C TYR C 62 15.63 -0.10 15.37
N ALA C 63 16.47 0.78 14.81
CA ALA C 63 16.18 1.33 13.50
C ALA C 63 16.26 0.23 12.44
N ASP C 64 15.42 0.35 11.39
CA ASP C 64 15.36 -0.68 10.35
C ASP C 64 16.74 -0.93 9.76
N SER C 65 17.54 0.13 9.62
CA SER C 65 18.84 0.01 8.96
C SER C 65 19.83 -0.85 9.71
N VAL C 66 19.65 -1.05 11.02
CA VAL C 66 20.61 -1.77 11.83
C VAL C 66 20.04 -3.05 12.43
N LYS C 67 18.79 -3.39 12.15
CA LYS C 67 18.21 -4.61 12.67
C LYS C 67 19.00 -5.83 12.22
N GLY C 68 19.26 -6.74 13.15
CA GLY C 68 20.04 -7.92 12.87
C GLY C 68 21.54 -7.73 12.93
N ARG C 69 22.02 -6.48 12.94
CA ARG C 69 23.45 -6.19 13.01
C ARG C 69 23.86 -5.58 14.33
N PHE C 70 23.05 -4.68 14.89
CA PHE C 70 23.36 -4.01 16.13
C PHE C 70 22.55 -4.61 17.28
N THR C 71 23.13 -4.58 18.47
CA THR C 71 22.46 -5.04 19.68
C THR C 71 22.77 -4.07 20.81
N VAL C 72 21.73 -3.58 21.48
CA VAL C 72 21.89 -2.71 22.64
C VAL C 72 21.57 -3.52 23.89
N SER C 73 22.39 -3.35 24.92
CA SER C 73 22.20 -4.13 26.15
C SER C 73 22.69 -3.32 27.34
N LEU C 74 22.25 -3.72 28.53
CA LEU C 74 22.53 -2.96 29.74
C LEU C 74 23.09 -3.88 30.82
N ASP C 75 24.22 -3.48 31.40
CA ASP C 75 24.78 -4.09 32.60
C ASP C 75 24.42 -3.17 33.76
N ASN C 76 23.40 -3.57 34.53
CA ASN C 76 22.95 -2.77 35.66
C ASN C 76 24.01 -2.70 36.75
N ALA C 77 24.79 -3.77 36.94
CA ALA C 77 25.83 -3.76 37.96
C ALA C 77 26.83 -2.65 37.70
N LYS C 78 27.30 -2.54 36.46
CA LYS C 78 28.24 -1.50 36.07
C LYS C 78 27.56 -0.21 35.64
N ASN C 79 26.22 -0.18 35.60
CA ASN C 79 25.49 0.96 35.06
C ASN C 79 26.05 1.38 33.71
N THR C 80 26.24 0.39 32.84
CA THR C 80 26.83 0.66 31.54
C THR C 80 25.94 0.07 30.46
N VAL C 81 25.66 0.87 29.42
CA VAL C 81 24.89 0.40 28.29
C VAL C 81 25.84 0.23 27.10
N TYR C 82 25.58 -0.78 26.28
CA TYR C 82 26.48 -1.19 25.21
C TYR C 82 25.74 -1.20 23.88
N LEU C 83 26.47 -0.87 22.83
CA LEU C 83 26.02 -1.05 21.45
C LEU C 83 27.02 -1.94 20.74
N GLN C 84 26.65 -3.19 20.51
CA GLN C 84 27.47 -4.10 19.71
C GLN C 84 27.09 -3.92 18.26
N MET C 85 28.07 -3.53 17.43
CA MET C 85 27.85 -3.21 16.02
C MET C 85 28.59 -4.23 15.16
N ASN C 86 27.84 -5.15 14.56
CA ASN C 86 28.41 -6.15 13.68
C ASN C 86 28.13 -5.81 12.21
N SER C 87 28.87 -6.47 11.32
CA SER C 87 28.68 -6.35 9.87
C SER C 87 28.60 -4.87 9.47
N LEU C 88 29.55 -4.10 9.96
CA LEU C 88 29.56 -2.66 9.73
C LEU C 88 29.72 -2.34 8.24
N LYS C 89 29.12 -1.24 7.82
CA LYS C 89 29.22 -0.80 6.45
C LYS C 89 29.51 0.70 6.44
N PRO C 90 30.07 1.22 5.34
CA PRO C 90 30.38 2.66 5.29
C PRO C 90 29.23 3.56 5.71
N GLU C 91 27.99 3.13 5.41
CA GLU C 91 26.81 3.92 5.76
C GLU C 91 26.66 4.10 7.27
N ASP C 92 27.36 3.31 8.08
CA ASP C 92 27.30 3.43 9.53
C ASP C 92 28.26 4.48 10.07
N THR C 93 29.10 5.07 9.22
CA THR C 93 30.07 6.08 9.65
C THR C 93 29.34 7.28 10.24
N ALA C 94 29.69 7.65 11.47
CA ALA C 94 29.00 8.76 12.14
C ALA C 94 29.63 8.99 13.49
N LEU C 95 29.25 10.11 14.11
CA LEU C 95 29.51 10.34 15.53
C LEU C 95 28.33 9.75 16.29
N TYR C 96 28.59 8.79 17.17
CA TYR C 96 27.55 8.10 17.92
C TYR C 96 27.45 8.69 19.31
N TYR C 97 26.22 9.04 19.71
CA TYR C 97 25.94 9.58 21.03
C TYR C 97 25.13 8.58 21.84
N CYS C 98 25.49 8.43 23.11
CA CYS C 98 24.56 7.81 24.02
CA CYS C 98 24.65 7.82 24.12
C CYS C 98 23.80 8.90 24.77
N ALA C 99 22.56 8.58 25.11
CA ALA C 99 21.67 9.55 25.72
C ALA C 99 20.81 8.82 26.76
N ALA C 100 20.43 9.55 27.80
CA ALA C 100 19.62 8.99 28.87
C ALA C 100 18.45 9.92 29.17
N ALA C 101 17.29 9.31 29.40
CA ALA C 101 16.08 10.06 29.70
C ALA C 101 15.43 9.50 30.95
N ALA C 102 14.65 10.38 31.60
CA ALA C 102 13.96 10.10 32.85
C ALA C 102 12.45 10.25 32.76
N TRP C 103 11.90 10.66 31.60
CA TRP C 103 10.49 10.95 31.44
C TRP C 103 9.69 9.77 30.90
N GLY C 104 10.29 8.59 30.80
CA GLY C 104 9.62 7.44 30.22
C GLY C 104 10.35 6.96 28.99
N TYR C 105 9.63 6.67 27.90
CA TYR C 105 10.28 6.21 26.68
C TYR C 105 9.51 6.69 25.46
N ALA C 106 10.20 6.79 24.34
CA ALA C 106 9.57 7.24 23.11
C ALA C 106 10.39 6.74 21.92
N TRP C 107 9.75 5.98 21.04
CA TRP C 107 10.41 5.47 19.85
C TRP C 107 9.54 5.81 18.65
N PRO C 108 10.11 6.35 17.57
CA PRO C 108 11.53 6.62 17.34
C PRO C 108 12.11 7.72 18.23
N LEU C 109 13.43 7.69 18.39
CA LEU C 109 14.13 8.69 19.17
C LEU C 109 14.05 10.07 18.51
N HIS C 110 13.91 11.11 19.33
CA HIS C 110 13.96 12.48 18.86
C HIS C 110 14.85 13.27 19.80
N GLN C 111 15.87 13.92 19.23
CA GLN C 111 16.86 14.63 20.03
C GLN C 111 16.29 15.85 20.75
N ASP C 112 15.11 16.33 20.36
CA ASP C 112 14.51 17.50 20.98
C ASP C 112 13.75 17.19 22.27
N ASP C 113 13.50 15.91 22.56
CA ASP C 113 13.12 15.54 23.91
C ASP C 113 14.28 15.87 24.86
N TYR C 114 14.00 15.96 26.15
CA TYR C 114 15.05 16.33 27.10
C TYR C 114 15.90 15.10 27.38
N TRP C 115 17.14 15.13 26.93
CA TRP C 115 18.09 14.05 27.11
C TRP C 115 19.33 14.54 27.87
N TYR C 116 19.94 13.64 28.62
CA TYR C 116 21.31 13.79 29.04
C TYR C 116 22.19 13.14 27.99
N TRP C 117 23.26 13.82 27.58
CA TRP C 117 24.06 13.42 26.43
C TRP C 117 25.49 13.08 26.81
N GLY C 118 26.01 12.01 26.23
CA GLY C 118 27.43 11.77 26.21
C GLY C 118 28.12 12.74 25.27
N GLN C 119 29.45 12.63 25.23
CA GLN C 119 30.27 13.54 24.42
C GLN C 119 30.38 13.11 22.96
N GLY C 120 30.01 11.86 22.66
CA GLY C 120 30.08 11.39 21.29
C GLY C 120 31.34 10.59 21.03
N THR C 121 31.24 9.54 20.22
CA THR C 121 32.41 8.75 19.84
C THR C 121 32.33 8.44 18.35
N GLN C 122 33.43 8.65 17.64
CA GLN C 122 33.39 8.53 16.19
C GLN C 122 33.53 7.08 15.76
N VAL C 123 32.72 6.68 14.79
CA VAL C 123 32.84 5.38 14.13
C VAL C 123 33.09 5.63 12.65
N THR C 124 34.19 5.09 12.14
CA THR C 124 34.55 5.32 10.74
C THR C 124 34.76 3.97 10.06
N VAL C 125 33.86 3.64 9.14
CA VAL C 125 33.86 2.36 8.44
C VAL C 125 34.33 2.60 7.01
N SER C 126 35.44 1.96 6.63
CA SER C 126 36.01 2.13 5.30
C SER C 126 35.60 0.97 4.41
N ALA C 127 35.29 1.29 3.16
CA ALA C 127 34.94 0.28 2.17
C ALA C 127 36.11 -0.66 1.88
N ILE D 1 -14.07 -14.85 20.87
CA ILE D 1 -12.75 -14.43 21.34
C ILE D 1 -12.84 -13.06 21.99
N THR D 2 -11.99 -12.12 21.55
CA THR D 2 -12.05 -10.75 22.06
C THR D 2 -11.25 -9.76 21.21
N ASN D 3 -10.10 -10.17 20.70
CA ASN D 3 -9.28 -9.29 19.89
C ASN D 3 -9.56 -9.51 18.40
N LEU D 4 -9.44 -8.43 17.64
CA LEU D 4 -9.67 -8.48 16.20
C LEU D 4 -8.58 -9.31 15.51
N CYS D 5 -9.00 -10.11 14.54
CA CYS D 5 -8.04 -10.91 13.79
C CYS D 5 -7.03 -10.01 13.09
N PRO D 6 -5.75 -10.40 13.04
CA PRO D 6 -4.69 -9.57 12.45
C PRO D 6 -4.68 -9.56 10.91
N PHE D 7 -5.84 -9.31 10.31
CA PHE D 7 -5.90 -9.22 8.85
C PHE D 7 -5.12 -8.01 8.32
N GLY D 8 -5.08 -6.91 9.08
CA GLY D 8 -4.32 -5.75 8.65
C GLY D 8 -2.87 -6.07 8.38
N GLU D 9 -2.28 -6.95 9.19
CA GLU D 9 -0.89 -7.34 8.98
C GLU D 9 -0.69 -7.93 7.58
N VAL D 10 -1.69 -8.62 7.05
CA VAL D 10 -1.54 -9.24 5.74
C VAL D 10 -1.78 -8.23 4.63
N PHE D 11 -2.87 -7.47 4.71
CA PHE D 11 -3.23 -6.57 3.62
C PHE D 11 -2.34 -5.34 3.57
N ASN D 12 -1.86 -4.87 4.73
CA ASN D 12 -1.13 -3.62 4.82
C ASN D 12 0.38 -3.80 4.82
N ALA D 13 0.86 -4.97 4.42
CA ALA D 13 2.30 -5.18 4.27
C ALA D 13 2.86 -4.28 3.19
N THR D 14 4.09 -3.79 3.41
CA THR D 14 4.75 -3.00 2.38
C THR D 14 5.39 -3.88 1.33
N ARG D 15 5.91 -5.04 1.74
CA ARG D 15 6.52 -6.00 0.83
C ARG D 15 5.66 -7.26 0.76
N PHE D 16 5.50 -7.78 -0.44
CA PHE D 16 4.78 -9.02 -0.70
C PHE D 16 5.72 -10.05 -1.29
N ALA D 17 5.37 -11.32 -1.11
CA ALA D 17 6.20 -12.42 -1.57
C ALA D 17 6.04 -12.66 -3.07
N SER D 18 7.10 -13.19 -3.69
CA SER D 18 6.95 -13.79 -5.00
C SER D 18 6.05 -15.03 -4.90
N VAL D 19 5.29 -15.29 -5.97
CA VAL D 19 4.27 -16.33 -5.91
C VAL D 19 4.87 -17.71 -5.65
N TYR D 20 6.05 -18.00 -6.23
CA TYR D 20 6.67 -19.30 -6.00
C TYR D 20 7.04 -19.48 -4.54
N ALA D 21 7.32 -18.38 -3.83
CA ALA D 21 7.67 -18.40 -2.41
C ALA D 21 6.55 -17.81 -1.56
N TRP D 22 5.31 -18.18 -1.88
CA TRP D 22 4.14 -17.50 -1.33
C TRP D 22 4.11 -17.58 0.19
N ASN D 23 3.61 -16.51 0.82
CA ASN D 23 3.61 -16.46 2.27
C ASN D 23 2.28 -16.97 2.83
N ARG D 24 2.33 -17.55 4.02
CA ARG D 24 1.14 -18.00 4.75
C ARG D 24 1.19 -17.50 6.17
N LYS D 25 0.07 -16.95 6.64
CA LYS D 25 -0.10 -16.56 8.03
C LYS D 25 -1.31 -17.30 8.59
N ARG D 26 -1.15 -17.92 9.75
CA ARG D 26 -2.27 -18.58 10.40
C ARG D 26 -2.98 -17.59 11.29
N ILE D 27 -4.31 -17.63 11.25
CA ILE D 27 -5.20 -16.74 11.98
C ILE D 27 -6.09 -17.60 12.86
N SER D 28 -6.08 -17.32 14.17
CA SER D 28 -6.86 -18.12 15.11
C SER D 28 -7.15 -17.31 16.36
N ASN D 29 -8.16 -17.77 17.11
CA ASN D 29 -8.53 -17.18 18.41
C ASN D 29 -8.72 -15.67 18.30
N CYS D 30 -9.63 -15.26 17.43
CA CYS D 30 -9.86 -13.83 17.21
C CYS D 30 -11.21 -13.63 16.55
N VAL D 31 -11.64 -12.36 16.53
CA VAL D 31 -12.91 -11.95 15.94
C VAL D 31 -12.63 -11.40 14.55
N ALA D 32 -13.27 -11.97 13.53
CA ALA D 32 -13.02 -11.65 12.14
C ALA D 32 -14.16 -10.81 11.57
N ASP D 33 -13.85 -9.63 11.05
CA ASP D 33 -14.81 -8.75 10.40
C ASP D 33 -14.46 -8.71 8.91
N TYR D 34 -15.05 -9.64 8.14
CA TYR D 34 -14.80 -9.67 6.71
C TYR D 34 -15.58 -8.60 5.95
N SER D 35 -16.76 -8.21 6.44
CA SER D 35 -17.58 -7.26 5.72
C SER D 35 -16.86 -5.94 5.48
N VAL D 36 -16.02 -5.51 6.43
CA VAL D 36 -15.29 -4.27 6.24
C VAL D 36 -14.25 -4.40 5.12
N LEU D 37 -13.77 -5.61 4.84
CA LEU D 37 -12.90 -5.82 3.69
C LEU D 37 -13.72 -5.92 2.40
N TYR D 38 -14.78 -6.72 2.43
CA TYR D 38 -15.58 -6.95 1.24
C TYR D 38 -16.26 -5.67 0.77
N ASN D 39 -16.84 -4.92 1.70
CA ASN D 39 -17.54 -3.67 1.41
C ASN D 39 -16.56 -2.54 1.71
N SER D 40 -15.67 -2.30 0.75
CA SER D 40 -14.66 -1.26 0.85
C SER D 40 -14.35 -0.78 -0.56
N ALA D 41 -13.43 0.16 -0.67
CA ALA D 41 -12.95 0.63 -1.97
C ALA D 41 -11.58 0.09 -2.30
N SER D 42 -11.16 -1.00 -1.66
CA SER D 42 -9.77 -1.43 -1.71
C SER D 42 -9.46 -2.42 -2.81
N PHE D 43 -10.39 -3.29 -3.18
CA PHE D 43 -10.08 -4.47 -3.96
C PHE D 43 -10.86 -4.50 -5.27
N SER D 44 -10.21 -5.07 -6.29
CA SER D 44 -10.87 -5.30 -7.57
C SER D 44 -11.36 -6.73 -7.72
N THR D 45 -10.84 -7.67 -6.93
CA THR D 45 -11.43 -9.00 -6.88
C THR D 45 -11.69 -9.37 -5.43
N PHE D 46 -12.89 -9.88 -5.15
CA PHE D 46 -13.20 -10.49 -3.86
C PHE D 46 -14.19 -11.60 -4.20
N LYS D 47 -13.69 -12.82 -4.38
CA LYS D 47 -14.49 -13.91 -4.93
C LYS D 47 -14.39 -15.12 -4.02
N CYS D 48 -15.53 -15.65 -3.60
CA CYS D 48 -15.51 -16.73 -2.64
C CYS D 48 -16.04 -18.03 -3.24
N TYR D 49 -15.67 -19.11 -2.56
CA TYR D 49 -15.97 -20.49 -2.96
C TYR D 49 -16.43 -21.23 -1.72
N GLY D 50 -17.59 -21.87 -1.83
CA GLY D 50 -18.16 -22.63 -0.72
C GLY D 50 -18.82 -21.81 0.36
N VAL D 51 -18.75 -20.48 0.28
CA VAL D 51 -19.42 -19.59 1.22
C VAL D 51 -19.96 -18.38 0.45
N SER D 52 -21.01 -17.78 1.01
CA SER D 52 -21.53 -16.52 0.47
C SER D 52 -20.73 -15.36 1.02
N PRO D 53 -20.24 -14.45 0.19
CA PRO D 53 -19.35 -13.40 0.69
C PRO D 53 -20.04 -12.37 1.57
N THR D 54 -21.34 -12.16 1.41
CA THR D 54 -22.05 -11.18 2.25
C THR D 54 -22.52 -11.78 3.57
N LYS D 55 -22.25 -13.06 3.83
CA LYS D 55 -22.58 -13.68 5.10
C LYS D 55 -21.33 -14.15 5.85
N LEU D 56 -20.15 -13.69 5.43
CA LEU D 56 -18.91 -14.16 6.03
C LEU D 56 -18.86 -13.89 7.53
N ASN D 57 -19.40 -12.77 7.98
CA ASN D 57 -19.38 -12.43 9.41
C ASN D 57 -20.29 -13.35 10.22
N ASP D 58 -21.13 -14.13 9.57
CA ASP D 58 -22.05 -15.03 10.25
C ASP D 58 -21.45 -16.39 10.58
N LEU D 59 -20.25 -16.68 10.10
CA LEU D 59 -19.70 -18.03 10.13
C LEU D 59 -18.59 -18.15 11.17
N CYS D 60 -18.31 -19.40 11.54
CA CYS D 60 -17.29 -19.74 12.51
C CYS D 60 -16.42 -20.85 11.93
N PHE D 61 -15.11 -20.71 12.08
CA PHE D 61 -14.17 -21.71 11.59
C PHE D 61 -13.14 -22.03 12.66
N THR D 62 -12.48 -23.18 12.49
CA THR D 62 -11.42 -23.57 13.41
C THR D 62 -10.20 -22.67 13.22
N ASN D 63 -9.71 -22.56 11.98
CA ASN D 63 -8.62 -21.64 11.68
C ASN D 63 -8.90 -20.95 10.35
N VAL D 64 -8.23 -19.83 10.13
CA VAL D 64 -8.18 -19.22 8.81
C VAL D 64 -6.72 -19.10 8.42
N TYR D 65 -6.42 -19.38 7.16
CA TYR D 65 -5.07 -19.14 6.65
C TYR D 65 -5.15 -17.97 5.67
N ALA D 66 -4.12 -17.13 5.70
CA ALA D 66 -4.02 -15.97 4.82
C ALA D 66 -2.72 -16.09 4.02
N ASP D 67 -2.85 -16.44 2.75
CA ASP D 67 -1.71 -16.58 1.85
C ASP D 67 -1.60 -15.32 0.99
N SER D 68 -0.38 -14.89 0.72
CA SER D 68 -0.27 -13.67 -0.06
C SER D 68 0.95 -13.72 -0.97
N PHE D 69 0.82 -13.03 -2.12
CA PHE D 69 1.86 -13.01 -3.15
C PHE D 69 1.46 -12.00 -4.24
N VAL D 70 2.32 -11.86 -5.24
CA VAL D 70 2.08 -10.98 -6.39
C VAL D 70 2.11 -11.79 -7.67
N ILE D 71 1.14 -11.53 -8.57
CA ILE D 71 1.09 -12.17 -9.89
C ILE D 71 0.59 -11.16 -10.91
N ARG D 72 0.59 -11.56 -12.19
CA ARG D 72 -0.04 -10.75 -13.24
C ARG D 72 -1.55 -10.66 -13.03
N GLY D 73 -2.13 -9.53 -13.44
CA GLY D 73 -3.58 -9.38 -13.36
C GLY D 73 -4.33 -10.51 -14.04
N ASP D 74 -3.95 -10.84 -15.28
CA ASP D 74 -4.63 -11.91 -16.00
C ASP D 74 -4.30 -13.29 -15.46
N GLU D 75 -3.46 -13.39 -14.43
CA GLU D 75 -3.21 -14.65 -13.75
C GLU D 75 -4.05 -14.80 -12.48
N VAL D 76 -4.77 -13.75 -12.08
CA VAL D 76 -5.57 -13.85 -10.86
C VAL D 76 -6.61 -14.96 -11.00
N ARG D 77 -7.10 -15.20 -12.21
CA ARG D 77 -8.12 -16.23 -12.38
C ARG D 77 -7.56 -17.65 -12.28
N GLN D 78 -6.23 -17.81 -12.28
CA GLN D 78 -5.64 -19.11 -11.96
C GLN D 78 -5.67 -19.40 -10.47
N ILE D 79 -5.94 -18.40 -9.64
CA ILE D 79 -6.04 -18.60 -8.20
C ILE D 79 -7.49 -18.93 -7.88
N ALA D 80 -7.89 -20.16 -8.22
CA ALA D 80 -9.25 -20.65 -8.05
C ALA D 80 -9.19 -22.17 -8.13
N PRO D 81 -10.15 -22.88 -7.55
CA PRO D 81 -10.15 -24.34 -7.67
C PRO D 81 -10.33 -24.76 -9.13
N GLY D 82 -9.63 -25.83 -9.51
CA GLY D 82 -9.84 -26.45 -10.80
C GLY D 82 -9.18 -25.77 -11.99
N GLN D 83 -8.19 -24.92 -11.75
CA GLN D 83 -7.57 -24.17 -12.83
C GLN D 83 -6.27 -24.82 -13.27
N THR D 84 -5.88 -24.53 -14.50
CA THR D 84 -4.60 -24.97 -15.04
C THR D 84 -3.83 -23.75 -15.52
N GLY D 85 -2.54 -23.94 -15.76
CA GLY D 85 -1.68 -22.88 -16.20
C GLY D 85 -0.42 -22.82 -15.37
N LYS D 86 0.47 -21.92 -15.79
CA LYS D 86 1.79 -21.78 -15.16
C LYS D 86 1.68 -21.60 -13.65
N ILE D 87 0.78 -20.72 -13.21
CA ILE D 87 0.70 -20.37 -11.80
C ILE D 87 0.02 -21.48 -11.03
N ALA D 88 -1.17 -21.91 -11.48
CA ALA D 88 -1.92 -22.94 -10.76
C ALA D 88 -1.17 -24.26 -10.72
N ASP D 89 -0.34 -24.54 -11.72
CA ASP D 89 0.31 -25.84 -11.77
C ASP D 89 1.71 -25.83 -11.13
N TYR D 90 2.48 -24.75 -11.31
CA TYR D 90 3.87 -24.73 -10.85
C TYR D 90 4.13 -23.83 -9.65
N ASN D 91 3.18 -22.99 -9.24
CA ASN D 91 3.48 -21.95 -8.26
C ASN D 91 2.58 -21.96 -7.02
N TYR D 92 1.26 -21.91 -7.23
CA TYR D 92 0.32 -21.89 -6.12
C TYR D 92 -0.97 -22.57 -6.57
N LYS D 93 -1.35 -23.64 -5.86
CA LYS D 93 -2.44 -24.51 -6.26
C LYS D 93 -3.51 -24.56 -5.17
N LEU D 94 -4.78 -24.29 -5.55
CA LEU D 94 -5.90 -24.46 -4.64
C LEU D 94 -6.56 -25.82 -4.85
N PRO D 95 -7.10 -26.42 -3.79
CA PRO D 95 -7.74 -27.73 -3.94
C PRO D 95 -9.10 -27.62 -4.60
N ASP D 96 -9.53 -28.73 -5.19
CA ASP D 96 -10.84 -28.78 -5.84
C ASP D 96 -11.95 -28.34 -4.89
N ASP D 97 -11.87 -28.73 -3.63
CA ASP D 97 -12.91 -28.45 -2.64
C ASP D 97 -12.58 -27.23 -1.78
N PHE D 98 -11.84 -26.27 -2.34
CA PHE D 98 -11.49 -25.05 -1.63
C PHE D 98 -12.70 -24.37 -1.01
N THR D 99 -12.57 -23.99 0.26
CA THR D 99 -13.56 -23.14 0.93
C THR D 99 -12.85 -21.87 1.37
N GLY D 100 -13.24 -20.74 0.82
CA GLY D 100 -12.58 -19.50 1.17
C GLY D 100 -12.74 -18.47 0.09
N CYS D 101 -11.96 -17.40 0.20
CA CYS D 101 -12.09 -16.26 -0.70
C CYS D 101 -10.74 -15.85 -1.25
N VAL D 102 -10.75 -15.30 -2.46
CA VAL D 102 -9.57 -14.79 -3.13
C VAL D 102 -9.77 -13.29 -3.35
N ILE D 103 -8.80 -12.50 -2.89
CA ILE D 103 -8.89 -11.05 -2.85
C ILE D 103 -7.70 -10.50 -3.62
N ALA D 104 -7.95 -9.55 -4.52
CA ALA D 104 -6.84 -9.03 -5.32
C ALA D 104 -7.02 -7.55 -5.58
N TRP D 105 -5.88 -6.86 -5.71
CA TRP D 105 -5.91 -5.46 -6.07
C TRP D 105 -4.70 -5.12 -6.94
N ASN D 106 -4.91 -4.17 -7.85
CA ASN D 106 -3.85 -3.73 -8.76
C ASN D 106 -2.75 -3.03 -7.98
N SER D 107 -1.50 -3.42 -8.21
CA SER D 107 -0.37 -2.80 -7.52
C SER D 107 0.66 -2.26 -8.52
N ASN D 108 0.18 -1.78 -9.67
CA ASN D 108 1.07 -1.33 -10.74
C ASN D 108 2.04 -0.26 -10.28
N ASN D 109 1.54 0.73 -9.56
CA ASN D 109 2.40 1.84 -9.16
C ASN D 109 3.45 1.45 -8.13
N LEU D 110 3.19 0.39 -7.36
CA LEU D 110 4.09 -0.05 -6.30
C LEU D 110 5.08 -1.12 -6.76
N ASP D 111 4.63 -2.06 -7.60
CA ASP D 111 5.42 -3.24 -7.91
C ASP D 111 5.99 -3.23 -9.32
N SER D 112 5.66 -2.23 -10.13
CA SER D 112 6.30 -2.03 -11.43
C SER D 112 7.32 -0.91 -11.32
N LYS D 113 8.34 -0.98 -12.16
CA LYS D 113 9.39 0.03 -12.18
C LYS D 113 9.71 0.41 -13.61
N VAL D 114 10.18 1.64 -13.79
CA VAL D 114 10.77 2.03 -15.06
C VAL D 114 11.91 1.08 -15.38
N GLY D 115 11.96 0.61 -16.61
CA GLY D 115 12.94 -0.39 -16.98
C GLY D 115 12.65 -1.78 -16.48
N GLY D 116 11.45 -2.02 -15.94
CA GLY D 116 11.08 -3.34 -15.46
C GLY D 116 11.49 -3.62 -14.04
N ASN D 117 10.54 -4.06 -13.22
CA ASN D 117 10.84 -4.54 -11.87
C ASN D 117 11.16 -6.03 -11.96
N TYR D 118 12.39 -6.39 -11.58
CA TYR D 118 12.81 -7.78 -11.66
C TYR D 118 12.84 -8.47 -10.29
N ASN D 119 12.22 -7.86 -9.27
CA ASN D 119 12.13 -8.48 -7.95
C ASN D 119 11.22 -9.71 -7.96
N TYR D 120 10.03 -9.58 -8.54
CA TYR D 120 9.04 -10.64 -8.44
C TYR D 120 9.31 -11.75 -9.45
N LEU D 121 9.27 -12.99 -8.97
CA LEU D 121 9.59 -14.17 -9.75
C LEU D 121 8.42 -15.15 -9.76
N TYR D 122 8.45 -16.04 -10.75
CA TYR D 122 7.56 -17.19 -10.80
C TYR D 122 8.35 -18.39 -11.30
N ARG D 123 7.83 -19.58 -11.00
CA ARG D 123 8.43 -20.82 -11.49
C ARG D 123 7.91 -21.07 -12.90
N LEU D 124 8.85 -21.14 -13.85
CA LEU D 124 8.53 -21.33 -15.27
C LEU D 124 8.56 -22.79 -15.68
N PHE D 125 9.41 -23.60 -15.04
CA PHE D 125 9.61 -25.00 -15.41
C PHE D 125 9.51 -25.87 -14.16
N ARG D 126 8.82 -27.00 -14.29
CA ARG D 126 8.74 -27.96 -13.20
C ARG D 126 8.40 -29.34 -13.77
N LYS D 127 8.98 -30.38 -13.15
CA LYS D 127 8.80 -31.74 -13.65
C LYS D 127 7.37 -32.24 -13.47
N SER D 128 6.64 -31.75 -12.46
CA SER D 128 5.26 -32.16 -12.23
C SER D 128 4.51 -31.03 -11.55
N ASN D 129 3.20 -31.20 -11.42
CA ASN D 129 2.35 -30.17 -10.84
C ASN D 129 2.37 -30.21 -9.32
N LEU D 130 2.17 -29.02 -8.73
CA LEU D 130 2.07 -28.92 -7.28
C LEU D 130 0.82 -29.57 -6.74
N LYS D 131 0.93 -30.15 -5.56
CA LYS D 131 -0.24 -30.51 -4.79
C LYS D 131 -0.90 -29.24 -4.25
N PRO D 132 -2.17 -29.33 -3.83
CA PRO D 132 -2.81 -28.15 -3.24
C PRO D 132 -2.02 -27.65 -2.04
N PHE D 133 -1.82 -26.33 -1.99
CA PHE D 133 -1.13 -25.64 -0.89
C PHE D 133 0.32 -26.11 -0.73
N GLU D 134 0.89 -26.70 -1.78
CA GLU D 134 2.31 -27.02 -1.79
C GLU D 134 3.13 -25.78 -2.16
N ARG D 135 4.35 -25.72 -1.63
CA ARG D 135 5.29 -24.66 -1.97
C ARG D 135 6.61 -25.28 -2.38
N ASP D 136 7.20 -24.76 -3.45
CA ASP D 136 8.48 -25.22 -3.99
C ASP D 136 9.36 -23.99 -4.21
N ILE D 137 10.44 -23.89 -3.44
CA ILE D 137 11.40 -22.78 -3.57
C ILE D 137 12.76 -23.25 -4.07
N SER D 138 12.85 -24.47 -4.58
CA SER D 138 14.13 -24.96 -5.07
C SER D 138 14.56 -24.21 -6.32
N THR D 139 15.87 -24.16 -6.55
CA THR D 139 16.42 -23.55 -7.75
C THR D 139 17.28 -24.55 -8.52
N GLU D 140 16.95 -25.84 -8.41
CA GLU D 140 17.70 -26.85 -9.13
C GLU D 140 17.51 -26.65 -10.63
N ILE D 141 18.61 -26.79 -11.38
CA ILE D 141 18.54 -26.61 -12.83
C ILE D 141 17.62 -27.67 -13.43
N TYR D 142 16.78 -27.25 -14.37
CA TYR D 142 15.79 -28.12 -14.97
C TYR D 142 16.38 -28.75 -16.23
N GLN D 143 16.50 -30.07 -16.21
CA GLN D 143 17.09 -30.81 -17.31
C GLN D 143 16.02 -31.02 -18.38
N ALA D 144 16.15 -30.31 -19.49
CA ALA D 144 15.17 -30.40 -20.57
C ALA D 144 15.49 -31.48 -21.58
N GLY D 145 16.76 -31.82 -21.75
CA GLY D 145 17.17 -32.83 -22.70
C GLY D 145 17.81 -34.04 -22.05
N SER D 146 18.53 -34.83 -22.84
CA SER D 146 19.07 -36.11 -22.39
C SER D 146 20.32 -35.98 -21.53
N THR D 147 20.96 -34.81 -21.50
CA THR D 147 22.23 -34.74 -20.80
C THR D 147 22.05 -34.12 -19.42
N PRO D 148 22.62 -34.73 -18.38
CA PRO D 148 22.49 -34.13 -17.04
C PRO D 148 23.14 -32.76 -16.98
N CYS D 149 22.62 -31.92 -16.09
CA CYS D 149 23.03 -30.51 -16.04
C CYS D 149 24.08 -30.22 -14.99
N ASN D 150 24.13 -30.98 -13.91
CA ASN D 150 25.19 -30.87 -12.91
C ASN D 150 25.20 -29.48 -12.27
N GLY D 151 23.99 -28.96 -12.06
CA GLY D 151 23.83 -27.67 -11.44
C GLY D 151 24.25 -26.49 -12.27
N VAL D 152 24.48 -26.68 -13.57
CA VAL D 152 25.00 -25.62 -14.44
C VAL D 152 23.90 -25.20 -15.41
N GLU D 153 23.44 -23.95 -15.27
CA GLU D 153 22.54 -23.38 -16.24
C GLU D 153 23.24 -23.31 -17.60
N GLY D 154 22.55 -23.75 -18.64
CA GLY D 154 23.16 -23.76 -19.95
C GLY D 154 22.25 -24.36 -21.00
N PHE D 155 22.86 -24.96 -22.01
CA PHE D 155 22.13 -25.57 -23.11
C PHE D 155 21.20 -26.66 -22.61
N ASN D 156 19.89 -26.49 -22.87
CA ASN D 156 18.86 -27.44 -22.45
C ASN D 156 18.89 -27.68 -20.94
N CYS D 157 19.38 -26.68 -20.19
CA CYS D 157 19.53 -26.78 -18.74
C CYS D 157 19.05 -25.44 -18.18
N TYR D 158 17.77 -25.38 -17.83
CA TYR D 158 17.08 -24.13 -17.59
C TYR D 158 17.08 -23.79 -16.10
N PHE D 159 17.44 -22.56 -15.79
CA PHE D 159 17.13 -22.04 -14.47
C PHE D 159 15.61 -22.02 -14.33
N PRO D 160 15.05 -22.60 -13.28
CA PRO D 160 13.59 -22.81 -13.23
C PRO D 160 12.78 -21.55 -12.96
N LEU D 161 13.36 -20.52 -12.36
CA LEU D 161 12.60 -19.33 -12.03
C LEU D 161 12.75 -18.27 -13.13
N GLN D 162 11.82 -17.33 -13.15
CA GLN D 162 11.76 -16.31 -14.18
C GLN D 162 11.25 -15.02 -13.55
N SER D 163 11.89 -13.90 -13.88
CA SER D 163 11.42 -12.61 -13.42
C SER D 163 10.23 -12.14 -14.24
N TYR D 164 9.22 -11.58 -13.56
CA TYR D 164 8.07 -11.02 -14.26
C TYR D 164 8.48 -9.81 -15.11
N GLY D 165 9.40 -9.01 -14.61
CA GLY D 165 9.75 -7.79 -15.32
C GLY D 165 8.59 -6.81 -15.43
N PHE D 166 7.80 -6.67 -14.37
CA PHE D 166 6.66 -5.76 -14.38
C PHE D 166 7.10 -4.35 -14.78
N GLN D 167 6.42 -3.78 -15.76
CA GLN D 167 6.71 -2.42 -16.17
C GLN D 167 5.38 -1.70 -16.40
N PRO D 168 5.29 -0.42 -16.01
CA PRO D 168 3.97 0.18 -15.75
C PRO D 168 3.15 0.57 -16.97
N THR D 169 3.70 0.52 -18.20
CA THR D 169 2.92 0.98 -19.35
C THR D 169 2.23 -0.16 -20.09
N ASN D 170 2.37 -1.40 -19.65
CA ASN D 170 1.53 -2.47 -20.19
C ASN D 170 0.11 -2.35 -19.63
N GLY D 171 -0.84 -2.94 -20.35
CA GLY D 171 -2.21 -3.00 -19.91
C GLY D 171 -2.36 -3.83 -18.64
N VAL D 172 -3.52 -3.69 -18.00
CA VAL D 172 -3.69 -4.19 -16.63
C VAL D 172 -3.50 -5.70 -16.54
N GLY D 173 -3.80 -6.44 -17.60
CA GLY D 173 -3.59 -7.88 -17.56
C GLY D 173 -2.15 -8.28 -17.32
N TYR D 174 -1.20 -7.41 -17.64
CA TYR D 174 0.21 -7.70 -17.43
C TYR D 174 0.80 -6.84 -16.31
N GLN D 175 -0.03 -6.09 -15.62
CA GLN D 175 0.40 -5.33 -14.46
C GLN D 175 0.38 -6.23 -13.24
N PRO D 176 1.19 -5.91 -12.22
CA PRO D 176 1.17 -6.72 -11.00
C PRO D 176 -0.08 -6.48 -10.18
N TYR D 177 -0.57 -7.55 -9.55
CA TYR D 177 -1.64 -7.50 -8.57
C TYR D 177 -1.18 -8.21 -7.31
N ARG D 178 -1.50 -7.60 -6.18
CA ARG D 178 -1.33 -8.24 -4.89
C ARG D 178 -2.55 -9.10 -4.60
N VAL D 179 -2.30 -10.31 -4.09
CA VAL D 179 -3.32 -11.31 -3.89
C VAL D 179 -3.23 -11.83 -2.47
N VAL D 180 -4.40 -11.93 -1.81
CA VAL D 180 -4.57 -12.57 -0.50
C VAL D 180 -5.63 -13.65 -0.65
N VAL D 181 -5.28 -14.87 -0.29
CA VAL D 181 -6.19 -16.01 -0.29
C VAL D 181 -6.52 -16.31 1.16
N LEU D 182 -7.80 -16.28 1.50
CA LEU D 182 -8.27 -16.65 2.83
C LEU D 182 -8.87 -18.05 2.76
N SER D 183 -8.27 -19.00 3.47
CA SER D 183 -8.72 -20.38 3.53
C SER D 183 -9.46 -20.57 4.85
N PHE D 184 -10.68 -21.08 4.78
CA PHE D 184 -11.52 -21.28 5.95
C PHE D 184 -11.51 -22.76 6.33
N GLU D 185 -10.97 -23.08 7.50
CA GLU D 185 -10.77 -24.47 7.90
C GLU D 185 -11.66 -24.81 9.09
N LEU D 186 -12.47 -25.85 8.90
CA LEU D 186 -13.32 -26.44 9.94
C LEU D 186 -12.78 -27.82 10.26
N LEU D 187 -12.37 -28.02 11.51
CA LEU D 187 -11.91 -29.31 12.00
C LEU D 187 -12.92 -29.87 13.00
N HIS D 188 -12.68 -31.11 13.43
CA HIS D 188 -13.49 -31.69 14.49
C HIS D 188 -13.07 -31.13 15.84
N ALA D 189 -12.94 -29.81 15.90
CA ALA D 189 -12.53 -29.07 17.09
C ALA D 189 -13.37 -27.82 17.18
N PRO D 190 -13.45 -27.19 18.35
CA PRO D 190 -14.25 -25.96 18.47
C PRO D 190 -13.71 -24.84 17.58
N ALA D 191 -14.62 -24.00 17.11
CA ALA D 191 -14.25 -22.85 16.30
C ALA D 191 -13.59 -21.79 17.16
N THR D 192 -12.54 -21.16 16.61
CA THR D 192 -11.88 -20.06 17.28
C THR D 192 -11.84 -18.78 16.47
N VAL D 193 -12.40 -18.77 15.25
CA VAL D 193 -12.42 -17.58 14.39
C VAL D 193 -13.86 -17.36 13.94
N CYS D 194 -14.57 -16.45 14.61
CA CYS D 194 -15.96 -16.12 14.31
C CYS D 194 -16.13 -14.63 14.02
N GLY D 195 -17.25 -14.31 13.37
CA GLY D 195 -17.65 -12.93 13.16
C GLY D 195 -18.17 -12.26 14.41
N PRO D 196 -18.47 -10.96 14.31
CA PRO D 196 -18.46 -10.09 15.51
C PRO D 196 -19.50 -10.31 16.61
N LYS D 197 -20.66 -10.94 16.40
CA LYS D 197 -21.56 -11.01 17.58
C LYS D 197 -22.19 -12.36 17.83
N GLN E 1 4.00 -33.82 -29.36
CA GLN E 1 2.83 -33.27 -30.03
C GLN E 1 2.91 -31.75 -30.17
N VAL E 2 3.07 -31.05 -29.05
CA VAL E 2 3.26 -29.61 -29.09
C VAL E 2 4.71 -29.30 -29.45
N GLN E 3 4.90 -28.40 -30.42
CA GLN E 3 6.25 -28.01 -30.79
C GLN E 3 6.27 -26.53 -31.18
N LEU E 4 7.36 -25.85 -30.84
CA LEU E 4 7.61 -24.48 -31.25
C LEU E 4 8.96 -24.45 -31.97
N VAL E 5 9.02 -23.78 -33.12
CA VAL E 5 10.27 -23.61 -33.87
C VAL E 5 10.46 -22.13 -34.18
N GLU E 6 11.50 -21.53 -33.59
CA GLU E 6 11.84 -20.14 -33.87
C GLU E 6 12.70 -20.02 -35.12
N SER E 7 12.49 -18.94 -35.88
CA SER E 7 13.22 -18.62 -37.09
C SER E 7 13.45 -17.11 -37.17
N GLY E 8 14.37 -16.72 -38.04
CA GLY E 8 14.49 -15.33 -38.46
C GLY E 8 15.63 -14.56 -37.85
N GLY E 9 16.36 -15.12 -36.90
CA GLY E 9 17.49 -14.42 -36.30
C GLY E 9 18.66 -14.32 -37.26
N GLY E 10 19.60 -13.46 -36.89
CA GLY E 10 20.81 -13.30 -37.69
C GLY E 10 21.62 -12.12 -37.20
N LEU E 11 22.64 -11.80 -38.00
CA LEU E 11 23.52 -10.66 -37.75
C LEU E 11 22.97 -9.43 -38.46
N VAL E 12 22.79 -8.35 -37.71
CA VAL E 12 22.24 -7.12 -38.23
C VAL E 12 23.03 -5.94 -37.64
N GLN E 13 23.07 -4.84 -38.38
CA GLN E 13 23.71 -3.63 -37.89
C GLN E 13 22.75 -2.86 -36.98
N ALA E 14 23.32 -2.12 -36.04
CA ALA E 14 22.52 -1.29 -35.15
C ALA E 14 21.67 -0.32 -35.96
N GLY E 15 20.40 -0.19 -35.55
CA GLY E 15 19.42 0.56 -36.31
C GLY E 15 18.61 -0.27 -37.28
N GLY E 16 19.05 -1.50 -37.57
CA GLY E 16 18.35 -2.35 -38.51
C GLY E 16 17.16 -3.07 -37.88
N SER E 17 16.56 -3.94 -38.68
CA SER E 17 15.35 -4.65 -38.29
C SER E 17 15.49 -6.14 -38.59
N LEU E 18 14.72 -6.93 -37.84
CA LEU E 18 14.55 -8.36 -38.11
C LEU E 18 13.13 -8.76 -37.75
N ARG E 19 12.58 -9.72 -38.49
CA ARG E 19 11.28 -10.30 -38.16
C ARG E 19 11.51 -11.73 -37.70
N LEU E 20 11.28 -12.00 -36.42
CA LEU E 20 11.35 -13.37 -35.93
C LEU E 20 9.99 -14.04 -36.06
N SER E 21 10.03 -15.35 -36.29
CA SER E 21 8.79 -16.12 -36.35
C SER E 21 8.89 -17.33 -35.42
N CYS E 22 7.72 -17.72 -34.90
CA CYS E 22 7.56 -18.89 -34.05
CA CYS E 22 7.58 -18.90 -34.06
C CYS E 22 6.48 -19.75 -34.69
N ALA E 23 6.87 -20.88 -35.27
CA ALA E 23 5.94 -21.78 -35.91
C ALA E 23 5.51 -22.82 -34.88
N ALA E 24 4.20 -22.90 -34.65
CA ALA E 24 3.64 -23.76 -33.61
C ALA E 24 2.94 -24.96 -34.22
N SER E 25 3.12 -26.11 -33.58
CA SER E 25 2.43 -27.34 -33.95
C SER E 25 1.77 -27.91 -32.71
N GLY E 26 0.63 -28.57 -32.91
CA GLY E 26 -0.04 -29.31 -31.86
C GLY E 26 -1.13 -28.59 -31.10
N PHE E 27 -1.42 -27.34 -31.46
CA PHE E 27 -2.43 -26.54 -30.78
C PHE E 27 -2.69 -25.30 -31.64
N PRO E 28 -3.84 -24.65 -31.45
CA PRO E 28 -4.11 -23.41 -32.19
C PRO E 28 -3.50 -22.21 -31.48
N VAL E 29 -2.75 -21.39 -32.23
CA VAL E 29 -2.08 -20.24 -31.62
C VAL E 29 -3.07 -19.25 -31.04
N GLN E 30 -4.27 -19.12 -31.65
CA GLN E 30 -5.25 -18.18 -31.12
C GLN E 30 -5.86 -18.64 -29.80
N ALA E 31 -5.61 -19.88 -29.38
CA ALA E 31 -6.20 -20.42 -28.17
C ALA E 31 -5.28 -20.34 -26.95
N ARG E 32 -4.07 -19.84 -27.11
CA ARG E 32 -3.09 -19.82 -26.04
C ARG E 32 -2.31 -18.51 -26.04
N GLU E 33 -1.89 -18.10 -24.86
CA GLU E 33 -0.91 -17.01 -24.76
C GLU E 33 0.43 -17.51 -25.29
N MET E 34 1.03 -16.74 -26.19
CA MET E 34 2.37 -17.01 -26.72
C MET E 34 3.32 -15.94 -26.21
N GLU E 35 4.52 -16.34 -25.81
CA GLU E 35 5.46 -15.39 -25.24
C GLU E 35 6.83 -15.51 -25.90
N TRP E 36 7.57 -14.41 -25.88
CA TRP E 36 8.96 -14.38 -26.30
C TRP E 36 9.82 -14.04 -25.09
N TYR E 37 10.86 -14.84 -24.89
CA TYR E 37 11.92 -14.60 -23.92
C TYR E 37 13.24 -14.48 -24.69
N ARG E 38 14.24 -13.89 -24.04
CA ARG E 38 15.55 -13.85 -24.66
C ARG E 38 16.61 -14.03 -23.59
N GLN E 39 17.76 -14.56 -24.00
CA GLN E 39 18.85 -14.76 -23.06
C GLN E 39 20.19 -14.68 -23.78
N ALA E 40 21.10 -13.91 -23.22
CA ALA E 40 22.49 -13.82 -23.64
C ALA E 40 23.36 -14.69 -22.74
N PRO E 41 24.52 -15.12 -23.21
CA PRO E 41 25.39 -15.97 -22.38
C PRO E 41 25.79 -15.26 -21.09
N GLY E 42 25.70 -15.99 -19.98
CA GLY E 42 26.04 -15.45 -18.69
C GLY E 42 25.05 -14.46 -18.12
N LYS E 43 23.88 -14.32 -18.73
CA LYS E 43 22.90 -13.34 -18.30
C LYS E 43 21.58 -14.01 -17.97
N GLU E 44 20.75 -13.29 -17.23
CA GLU E 44 19.45 -13.79 -16.82
C GLU E 44 18.47 -13.84 -18.00
N ARG E 45 17.62 -14.86 -18.01
CA ARG E 45 16.57 -14.93 -19.02
C ARG E 45 15.59 -13.77 -18.83
N GLU E 46 15.27 -13.11 -19.93
CA GLU E 46 14.48 -11.88 -19.88
C GLU E 46 13.19 -12.07 -20.67
N TRP E 47 12.06 -11.76 -20.04
CA TRP E 47 10.79 -11.75 -20.75
C TRP E 47 10.76 -10.58 -21.73
N VAL E 48 10.35 -10.84 -22.97
CA VAL E 48 10.34 -9.84 -24.02
C VAL E 48 8.92 -9.40 -24.38
N ALA E 49 8.04 -10.36 -24.63
CA ALA E 49 6.73 -9.94 -25.10
C ALA E 49 5.73 -11.07 -24.97
N ALA E 50 4.44 -10.72 -25.06
CA ALA E 50 3.39 -11.71 -25.00
C ALA E 50 2.22 -11.27 -25.86
N ILE E 51 1.49 -12.26 -26.38
CA ILE E 51 0.27 -12.03 -27.14
C ILE E 51 -0.78 -13.10 -26.81
N LYS E 52 -2.03 -12.66 -26.64
CA LYS E 52 -3.14 -13.60 -26.45
C LYS E 52 -4.43 -12.93 -26.91
N SER E 53 -5.54 -13.66 -26.75
CA SER E 53 -6.82 -13.24 -27.31
C SER E 53 -7.81 -12.75 -26.28
N THR E 54 -7.50 -12.83 -24.99
CA THR E 54 -8.39 -12.36 -23.93
C THR E 54 -7.70 -11.29 -23.10
N GLY E 55 -8.51 -10.52 -22.38
CA GLY E 55 -7.97 -9.50 -21.50
C GLY E 55 -7.11 -8.50 -22.25
N THR E 56 -5.90 -8.27 -21.74
CA THR E 56 -4.91 -7.45 -22.43
C THR E 56 -4.22 -8.28 -23.50
N TYR E 57 -4.29 -7.84 -24.76
CA TYR E 57 -3.91 -8.72 -25.87
C TYR E 57 -2.41 -8.82 -26.08
N THR E 58 -1.65 -7.75 -25.84
CA THR E 58 -0.22 -7.79 -26.02
C THR E 58 0.47 -7.06 -24.88
N ALA E 59 1.76 -7.37 -24.71
CA ALA E 59 2.57 -6.67 -23.72
C ALA E 59 4.04 -6.83 -24.06
N TYR E 60 4.85 -5.89 -23.56
CA TYR E 60 6.26 -5.79 -23.91
C TYR E 60 7.10 -5.44 -22.68
N ALA E 61 8.32 -5.95 -22.64
CA ALA E 61 9.29 -5.46 -21.67
C ALA E 61 9.58 -3.98 -21.92
N TYR E 62 9.95 -3.26 -20.85
CA TYR E 62 10.11 -1.81 -20.96
C TYR E 62 11.16 -1.44 -22.01
N SER E 63 12.27 -2.18 -22.06
CA SER E 63 13.36 -1.80 -22.95
C SER E 63 13.08 -2.07 -24.41
N VAL E 64 12.01 -2.80 -24.74
CA VAL E 64 11.67 -3.06 -26.14
C VAL E 64 10.37 -2.41 -26.57
N LYS E 65 9.59 -1.84 -25.65
CA LYS E 65 8.33 -1.24 -26.08
C LYS E 65 8.59 -0.10 -27.05
N GLY E 66 7.74 -0.02 -28.07
CA GLY E 66 7.89 0.97 -29.10
C GLY E 66 8.82 0.57 -30.23
N ARG E 67 9.73 -0.36 -29.97
CA ARG E 67 10.62 -0.87 -31.01
C ARG E 67 10.20 -2.24 -31.52
N PHE E 68 9.61 -3.07 -30.67
CA PHE E 68 9.19 -4.41 -31.05
C PHE E 68 7.66 -4.45 -31.15
N THR E 69 7.17 -5.34 -32.01
CA THR E 69 5.74 -5.56 -32.18
C THR E 69 5.48 -7.05 -32.29
N ILE E 70 4.58 -7.57 -31.47
CA ILE E 70 4.23 -8.99 -31.52
C ILE E 70 2.91 -9.13 -32.27
N SER E 71 2.81 -10.15 -33.10
CA SER E 71 1.61 -10.35 -33.90
C SER E 71 1.39 -11.83 -34.12
N ARG E 72 0.23 -12.17 -34.70
CA ARG E 72 -0.18 -13.56 -34.85
C ARG E 72 -0.88 -13.77 -36.18
N ASP E 73 -0.57 -14.89 -36.84
CA ASP E 73 -1.28 -15.33 -38.04
C ASP E 73 -1.87 -16.70 -37.76
N ASN E 74 -3.18 -16.74 -37.56
CA ASN E 74 -3.88 -17.97 -37.20
C ASN E 74 -3.75 -19.01 -38.32
N ALA E 75 -3.91 -18.58 -39.57
CA ALA E 75 -3.89 -19.51 -40.68
C ALA E 75 -2.56 -20.23 -40.80
N LYS E 76 -1.46 -19.54 -40.49
CA LYS E 76 -0.14 -20.17 -40.52
C LYS E 76 0.26 -20.72 -39.16
N ASN E 77 -0.62 -20.59 -38.16
CA ASN E 77 -0.32 -21.00 -36.79
C ASN E 77 1.04 -20.47 -36.35
N THR E 78 1.27 -19.18 -36.60
CA THR E 78 2.58 -18.62 -36.35
C THR E 78 2.45 -17.31 -35.57
N VAL E 79 3.41 -17.06 -34.69
CA VAL E 79 3.52 -15.78 -34.00
C VAL E 79 4.79 -15.08 -34.46
N TYR E 80 4.73 -13.76 -34.58
CA TYR E 80 5.85 -12.98 -35.09
C TYR E 80 6.27 -11.95 -34.07
N LEU E 81 7.58 -11.66 -34.07
CA LEU E 81 8.15 -10.57 -33.28
C LEU E 81 8.93 -9.69 -34.26
N GLN E 82 8.33 -8.56 -34.64
CA GLN E 82 8.99 -7.58 -35.48
C GLN E 82 9.88 -6.72 -34.61
N MET E 83 11.17 -6.66 -34.91
CA MET E 83 12.14 -5.94 -34.09
C MET E 83 12.74 -4.83 -34.94
N ASN E 84 12.46 -3.58 -34.55
CA ASN E 84 12.94 -2.40 -35.22
C ASN E 84 13.97 -1.68 -34.35
N SER E 85 14.76 -0.81 -34.99
CA SER E 85 15.73 0.03 -34.29
C SER E 85 16.60 -0.78 -33.33
N LEU E 86 17.14 -1.88 -33.86
CA LEU E 86 17.87 -2.82 -33.02
C LEU E 86 19.15 -2.22 -32.45
N LYS E 87 19.44 -2.56 -31.20
CA LYS E 87 20.59 -2.08 -30.47
C LYS E 87 21.47 -3.24 -30.04
N PRO E 88 22.76 -3.00 -29.79
CA PRO E 88 23.63 -4.08 -29.31
C PRO E 88 23.11 -4.79 -28.07
N GLU E 89 22.44 -4.08 -27.17
CA GLU E 89 21.88 -4.73 -25.99
C GLU E 89 20.77 -5.73 -26.34
N ASP E 90 20.29 -5.75 -27.59
CA ASP E 90 19.32 -6.73 -28.02
C ASP E 90 19.95 -8.07 -28.42
N THR E 91 21.27 -8.17 -28.44
CA THR E 91 21.92 -9.43 -28.82
C THR E 91 21.58 -10.52 -27.81
N ALA E 92 21.08 -11.66 -28.30
CA ALA E 92 20.61 -12.73 -27.43
C ALA E 92 20.07 -13.87 -28.29
N VAL E 93 19.90 -15.03 -27.67
CA VAL E 93 19.05 -16.07 -28.24
C VAL E 93 17.60 -15.76 -27.88
N TYR E 94 16.72 -15.78 -28.86
CA TYR E 94 15.30 -15.49 -28.68
C TYR E 94 14.50 -16.78 -28.75
N TYR E 95 13.61 -16.97 -27.76
CA TYR E 95 12.85 -18.19 -27.57
C TYR E 95 11.38 -17.86 -27.53
N CYS E 96 10.58 -18.72 -28.14
CA CYS E 96 9.13 -18.69 -28.08
CA CYS E 96 9.15 -18.60 -27.97
C CYS E 96 8.63 -19.69 -27.06
N TYR E 97 7.52 -19.39 -26.40
CA TYR E 97 7.07 -20.17 -25.27
C TYR E 97 5.56 -20.26 -25.28
N VAL E 98 5.04 -21.42 -24.84
CA VAL E 98 3.61 -21.58 -24.60
C VAL E 98 3.40 -22.57 -23.46
N TYR E 99 2.32 -22.38 -22.71
CA TYR E 99 1.90 -23.32 -21.67
C TYR E 99 0.67 -24.07 -22.15
N VAL E 100 0.80 -25.38 -22.35
CA VAL E 100 -0.31 -26.23 -22.77
C VAL E 100 -0.29 -27.47 -21.89
N GLY E 101 -0.82 -27.35 -20.67
CA GLY E 101 -0.76 -28.44 -19.71
C GLY E 101 0.61 -28.57 -19.07
N SER E 102 1.61 -27.96 -19.69
CA SER E 102 2.99 -27.92 -19.19
C SER E 102 3.75 -26.90 -20.03
N SER E 103 4.95 -26.56 -19.60
CA SER E 103 5.75 -25.55 -20.31
C SER E 103 6.40 -26.12 -21.55
N TYR E 104 6.31 -25.38 -22.66
CA TYR E 104 7.05 -25.68 -23.88
C TYR E 104 7.83 -24.45 -24.31
N ILE E 105 9.11 -24.65 -24.61
CA ILE E 105 9.95 -23.58 -25.11
C ILE E 105 10.73 -24.14 -26.29
N GLY E 106 11.01 -23.29 -27.27
CA GLY E 106 11.70 -23.74 -28.46
C GLY E 106 13.20 -23.82 -28.25
N GLN E 107 13.88 -24.25 -29.33
CA GLN E 107 15.34 -24.29 -29.35
C GLN E 107 15.96 -22.91 -29.51
N GLY E 108 15.21 -21.94 -30.02
CA GLY E 108 15.66 -20.57 -30.08
C GLY E 108 16.25 -20.20 -31.43
N THR E 109 16.43 -18.88 -31.60
CA THR E 109 17.06 -18.31 -32.78
C THR E 109 18.01 -17.20 -32.34
N GLN E 110 19.23 -17.22 -32.86
CA GLN E 110 20.26 -16.27 -32.45
C GLN E 110 20.06 -14.92 -33.13
N VAL E 111 20.11 -13.84 -32.35
CA VAL E 111 20.08 -12.47 -32.85
C VAL E 111 21.37 -11.78 -32.39
N THR E 112 22.09 -11.18 -33.34
CA THR E 112 23.31 -10.46 -33.01
C THR E 112 23.27 -9.09 -33.69
N VAL E 113 23.42 -8.03 -32.90
CA VAL E 113 23.37 -6.66 -33.39
C VAL E 113 24.75 -6.07 -33.20
N SER E 114 25.42 -5.74 -34.30
CA SER E 114 26.74 -5.15 -34.25
C SER E 114 26.64 -3.63 -34.14
N ALA E 115 27.57 -3.05 -33.39
CA ALA E 115 27.66 -1.59 -33.29
C ALA E 115 28.21 -1.03 -34.60
N SER F 1 -27.88 -21.63 -14.61
CA SER F 1 -29.22 -22.19 -14.61
C SER F 1 -30.28 -21.11 -14.65
N SER F 2 -31.48 -21.45 -14.19
CA SER F 2 -32.59 -20.52 -14.10
C SER F 2 -32.74 -19.91 -12.70
N GLN F 3 -31.77 -20.15 -11.82
CA GLN F 3 -31.91 -19.72 -10.43
C GLN F 3 -31.96 -18.21 -10.31
N VAL F 4 -31.19 -17.49 -11.13
CA VAL F 4 -31.38 -16.06 -11.33
C VAL F 4 -31.71 -15.85 -12.80
N GLN F 5 -32.82 -15.16 -13.06
CA GLN F 5 -33.27 -14.90 -14.40
C GLN F 5 -33.07 -13.43 -14.74
N LEU F 6 -32.50 -13.17 -15.91
CA LEU F 6 -32.23 -11.82 -16.39
C LEU F 6 -32.90 -11.63 -17.75
N VAL F 7 -33.67 -10.57 -17.88
CA VAL F 7 -34.31 -10.27 -19.17
C VAL F 7 -33.98 -8.84 -19.56
N GLU F 8 -33.27 -8.68 -20.68
CA GLU F 8 -32.84 -7.38 -21.16
C GLU F 8 -33.86 -6.77 -22.12
N SER F 9 -33.78 -5.45 -22.24
CA SER F 9 -34.56 -4.69 -23.21
C SER F 9 -33.85 -3.37 -23.44
N GLY F 10 -34.33 -2.62 -24.43
CA GLY F 10 -33.83 -1.29 -24.70
C GLY F 10 -32.84 -1.17 -25.85
N GLY F 11 -32.45 -2.26 -26.48
CA GLY F 11 -31.49 -2.18 -27.57
C GLY F 11 -32.09 -1.51 -28.80
N GLY F 12 -31.26 -1.37 -29.82
CA GLY F 12 -31.75 -0.87 -31.09
C GLY F 12 -30.67 -0.18 -31.89
N SER F 13 -31.12 0.53 -32.93
CA SER F 13 -30.24 1.22 -33.86
C SER F 13 -30.30 2.71 -33.61
N VAL F 14 -29.12 3.35 -33.57
CA VAL F 14 -29.03 4.80 -33.45
C VAL F 14 -27.91 5.30 -34.35
N GLN F 15 -28.01 6.57 -34.71
CA GLN F 15 -26.93 7.22 -35.44
C GLN F 15 -25.81 7.58 -34.48
N ALA F 16 -24.58 7.66 -35.02
CA ALA F 16 -23.44 8.07 -34.23
C ALA F 16 -23.74 9.38 -33.50
N GLY F 17 -23.47 9.40 -32.20
CA GLY F 17 -23.76 10.54 -31.36
C GLY F 17 -24.99 10.42 -30.51
N GLY F 18 -25.85 9.43 -30.79
CA GLY F 18 -27.10 9.28 -30.06
C GLY F 18 -26.94 8.49 -28.78
N SER F 19 -28.08 8.21 -28.15
CA SER F 19 -28.11 7.56 -26.84
C SER F 19 -29.10 6.41 -26.83
N LEU F 20 -28.87 5.48 -25.91
CA LEU F 20 -29.77 4.36 -25.65
C LEU F 20 -29.68 4.03 -24.17
N ARG F 21 -30.71 3.36 -23.65
CA ARG F 21 -30.72 2.92 -22.26
C ARG F 21 -31.11 1.45 -22.20
N LEU F 22 -30.15 0.59 -21.90
CA LEU F 22 -30.42 -0.83 -21.72
C LEU F 22 -30.96 -1.07 -20.31
N SER F 23 -31.93 -1.97 -20.20
CA SER F 23 -32.48 -2.37 -18.93
C SER F 23 -32.37 -3.88 -18.82
N CYS F 24 -32.19 -4.37 -17.59
N CYS F 24 -32.20 -4.35 -17.60
CA CYS F 24 -32.06 -5.78 -17.32
CA CYS F 24 -32.09 -5.77 -17.32
C CYS F 24 -32.84 -6.06 -16.03
C CYS F 24 -32.84 -6.06 -16.03
N ALA F 25 -33.92 -6.83 -16.14
CA ALA F 25 -34.78 -7.13 -15.00
C ALA F 25 -34.44 -8.50 -14.44
N ALA F 26 -34.16 -8.55 -13.13
CA ALA F 26 -33.77 -9.76 -12.42
C ALA F 26 -34.94 -10.35 -11.67
N SER F 27 -35.03 -11.68 -11.71
CA SER F 27 -35.99 -12.41 -10.89
C SER F 27 -35.33 -13.70 -10.38
N GLY F 28 -36.02 -14.37 -9.47
CA GLY F 28 -35.53 -15.61 -8.92
C GLY F 28 -34.81 -15.39 -7.61
N SER F 29 -33.60 -15.93 -7.50
CA SER F 29 -32.80 -15.86 -6.27
C SER F 29 -32.05 -14.52 -6.19
N ILE F 30 -32.82 -13.43 -6.14
CA ILE F 30 -32.22 -12.12 -6.33
C ILE F 30 -31.42 -11.67 -5.12
N SER F 31 -31.75 -12.15 -3.91
CA SER F 31 -30.99 -11.73 -2.75
C SER F 31 -29.56 -12.25 -2.79
N SER F 32 -29.29 -13.30 -3.58
CA SER F 32 -27.96 -13.87 -3.69
C SER F 32 -27.04 -13.05 -4.61
N ILE F 33 -27.59 -12.09 -5.35
CA ILE F 33 -26.83 -11.37 -6.36
C ILE F 33 -25.88 -10.39 -5.70
N THR F 34 -24.58 -10.64 -5.87
CA THR F 34 -23.54 -9.76 -5.35
C THR F 34 -23.03 -8.79 -6.40
N TYR F 35 -23.22 -9.08 -7.68
CA TYR F 35 -22.46 -8.35 -8.69
C TYR F 35 -23.23 -8.41 -10.00
N LEU F 36 -23.33 -7.27 -10.68
CA LEU F 36 -24.03 -7.18 -11.96
C LEU F 36 -23.06 -6.64 -13.00
N GLY F 37 -22.99 -7.30 -14.15
CA GLY F 37 -22.06 -6.90 -15.19
C GLY F 37 -22.77 -6.74 -16.51
N TRP F 38 -22.29 -5.78 -17.29
CA TRP F 38 -22.65 -5.60 -18.68
C TRP F 38 -21.44 -5.98 -19.52
N PHE F 39 -21.62 -7.01 -20.35
CA PHE F 39 -20.67 -7.47 -21.36
C PHE F 39 -21.16 -7.06 -22.75
N ARG F 40 -20.25 -7.06 -23.72
CA ARG F 40 -20.68 -6.91 -25.10
C ARG F 40 -19.80 -7.75 -26.00
N GLN F 41 -20.36 -8.21 -27.11
CA GLN F 41 -19.67 -9.09 -28.03
C GLN F 41 -20.08 -8.74 -29.45
N ALA F 42 -19.10 -8.42 -30.28
CA ALA F 42 -19.35 -8.40 -31.71
C ALA F 42 -19.01 -9.77 -32.28
N PRO F 43 -19.65 -10.19 -33.37
CA PRO F 43 -19.39 -11.55 -33.90
C PRO F 43 -17.91 -11.74 -34.22
N GLY F 44 -17.36 -12.85 -33.74
CA GLY F 44 -15.95 -13.16 -33.96
C GLY F 44 -14.98 -12.51 -32.99
N LYS F 45 -15.46 -11.71 -32.04
CA LYS F 45 -14.59 -11.03 -31.10
C LYS F 45 -14.88 -11.53 -29.68
N GLU F 46 -13.99 -11.16 -28.77
CA GLU F 46 -14.13 -11.57 -27.37
C GLU F 46 -15.37 -10.94 -26.76
N ARG F 47 -16.01 -11.68 -25.85
CA ARG F 47 -17.10 -11.13 -25.04
C ARG F 47 -16.47 -10.34 -23.89
N GLU F 48 -16.49 -9.01 -24.00
CA GLU F 48 -15.67 -8.16 -23.15
C GLU F 48 -16.54 -7.41 -22.14
N GLY F 49 -15.95 -7.13 -20.99
CA GLY F 49 -16.67 -6.37 -19.98
C GLY F 49 -16.82 -4.91 -20.39
N VAL F 50 -18.00 -4.37 -20.09
CA VAL F 50 -18.33 -2.98 -20.35
C VAL F 50 -18.44 -2.19 -19.07
N ALA F 51 -19.27 -2.67 -18.14
CA ALA F 51 -19.41 -1.96 -16.87
C ALA F 51 -19.92 -2.95 -15.84
N ALA F 52 -19.75 -2.60 -14.57
CA ALA F 52 -20.21 -3.49 -13.51
C ALA F 52 -20.56 -2.70 -12.27
N LEU F 53 -21.39 -3.32 -11.42
CA LEU F 53 -21.92 -2.69 -10.21
C LEU F 53 -21.95 -3.73 -9.10
N ILE F 54 -21.36 -3.37 -7.95
CA ILE F 54 -21.37 -4.21 -6.76
C ILE F 54 -22.62 -3.85 -5.95
N THR F 55 -23.44 -4.85 -5.63
CA THR F 55 -24.77 -4.54 -5.11
C THR F 55 -24.75 -4.11 -3.65
N VAL F 56 -23.75 -4.53 -2.85
CA VAL F 56 -23.77 -4.21 -1.43
C VAL F 56 -23.58 -2.71 -1.20
N ASN F 57 -22.88 -2.03 -2.10
CA ASN F 57 -22.57 -0.62 -1.89
C ASN F 57 -22.74 0.24 -3.14
N GLY F 58 -23.16 -0.33 -4.27
CA GLY F 58 -23.33 0.46 -5.48
C GLY F 58 -22.04 0.88 -6.17
N HIS F 59 -20.89 0.40 -5.71
CA HIS F 59 -19.62 0.73 -6.37
C HIS F 59 -19.64 0.24 -7.81
N THR F 60 -19.08 1.05 -8.71
CA THR F 60 -19.16 0.74 -10.14
C THR F 60 -17.77 0.74 -10.77
N TYR F 61 -17.69 0.05 -11.91
CA TYR F 61 -16.49 -0.07 -12.71
C TYR F 61 -16.84 0.13 -14.17
N TYR F 62 -15.90 0.72 -14.93
CA TYR F 62 -16.11 0.99 -16.35
C TYR F 62 -14.88 0.65 -17.16
N ALA F 63 -15.10 0.07 -18.34
CA ALA F 63 -14.00 -0.09 -19.28
C ALA F 63 -13.52 1.27 -19.76
N ASP F 64 -12.22 1.36 -20.04
CA ASP F 64 -11.64 2.63 -20.48
C ASP F 64 -12.37 3.18 -21.71
N SER F 65 -12.78 2.29 -22.62
CA SER F 65 -13.39 2.72 -23.87
C SER F 65 -14.73 3.42 -23.69
N VAL F 66 -15.38 3.27 -22.52
CA VAL F 66 -16.71 3.81 -22.33
C VAL F 66 -16.80 4.80 -21.18
N LYS F 67 -15.73 5.04 -20.43
CA LYS F 67 -15.85 5.92 -19.29
C LYS F 67 -16.12 7.35 -19.75
N GLY F 68 -16.96 8.05 -18.99
CA GLY F 68 -17.47 9.33 -19.41
C GLY F 68 -18.70 9.28 -20.29
N ARG F 69 -18.96 8.15 -20.94
CA ARG F 69 -20.10 7.99 -21.84
C ARG F 69 -21.18 7.05 -21.31
N PHE F 70 -20.78 5.96 -20.66
CA PHE F 70 -21.72 4.96 -20.15
C PHE F 70 -21.86 5.08 -18.64
N THR F 71 -23.05 4.72 -18.13
CA THR F 71 -23.35 4.72 -16.71
C THR F 71 -24.17 3.49 -16.37
N VAL F 72 -23.74 2.71 -15.39
CA VAL F 72 -24.52 1.58 -14.90
C VAL F 72 -25.12 1.95 -13.55
N SER F 73 -26.39 1.62 -13.36
CA SER F 73 -27.08 1.96 -12.11
C SER F 73 -28.08 0.87 -11.76
N LEU F 74 -28.51 0.86 -10.51
CA LEU F 74 -29.39 -0.19 -10.00
C LEU F 74 -30.60 0.42 -9.30
N ASP F 75 -31.80 -0.01 -9.72
CA ASP F 75 -33.05 0.28 -9.02
C ASP F 75 -33.41 -0.98 -8.24
N ASN F 76 -33.08 -0.97 -6.94
CA ASN F 76 -33.33 -2.14 -6.09
C ASN F 76 -34.81 -2.43 -5.97
N ALA F 77 -35.64 -1.38 -5.89
CA ALA F 77 -37.08 -1.58 -5.74
C ALA F 77 -37.65 -2.40 -6.89
N LYS F 78 -37.13 -2.18 -8.10
CA LYS F 78 -37.56 -2.93 -9.28
C LYS F 78 -36.64 -4.09 -9.61
N ASN F 79 -35.56 -4.26 -8.86
CA ASN F 79 -34.53 -5.26 -9.16
C ASN F 79 -34.13 -5.17 -10.62
N THR F 80 -33.84 -3.95 -11.06
CA THR F 80 -33.50 -3.71 -12.46
C THR F 80 -32.19 -2.94 -12.53
N VAL F 81 -31.28 -3.41 -13.37
CA VAL F 81 -30.01 -2.72 -13.59
C VAL F 81 -30.02 -2.08 -14.99
N TYR F 82 -29.47 -0.89 -15.07
CA TYR F 82 -29.52 -0.07 -16.28
C TYR F 82 -28.12 0.24 -16.78
N LEU F 83 -27.99 0.33 -18.10
CA LEU F 83 -26.80 0.85 -18.77
C LEU F 83 -27.22 2.00 -19.66
N GLN F 84 -26.97 3.22 -19.21
CA GLN F 84 -27.18 4.42 -20.01
C GLN F 84 -25.97 4.62 -20.91
N MET F 85 -26.19 4.68 -22.22
CA MET F 85 -25.13 4.77 -23.22
C MET F 85 -25.31 6.06 -23.99
N ASN F 86 -24.43 7.02 -23.74
CA ASN F 86 -24.46 8.32 -24.40
C ASN F 86 -23.32 8.43 -25.41
N SER F 87 -23.47 9.39 -26.33
CA SER F 87 -22.44 9.70 -27.32
C SER F 87 -21.95 8.43 -28.00
N LEU F 88 -22.90 7.63 -28.48
CA LEU F 88 -22.57 6.34 -29.06
C LEU F 88 -21.81 6.50 -30.36
N LYS F 89 -20.89 5.57 -30.60
CA LYS F 89 -20.07 5.57 -31.81
C LYS F 89 -20.13 4.19 -32.43
N PRO F 90 -19.85 4.08 -33.73
CA PRO F 90 -19.96 2.77 -34.41
C PRO F 90 -19.18 1.66 -33.72
N GLU F 91 -18.09 1.99 -33.03
CA GLU F 91 -17.31 0.98 -32.31
C GLU F 91 -18.08 0.35 -31.15
N ASP F 92 -19.21 0.93 -30.74
CA ASP F 92 -20.04 0.39 -29.68
C ASP F 92 -21.04 -0.66 -30.18
N THR F 93 -21.09 -0.89 -31.49
CA THR F 93 -22.02 -1.86 -32.05
C THR F 93 -21.66 -3.26 -31.56
N ALA F 94 -22.63 -3.95 -30.96
CA ALA F 94 -22.40 -5.28 -30.42
C ALA F 94 -23.69 -5.83 -29.85
N LEU F 95 -23.69 -7.13 -29.55
CA LEU F 95 -24.72 -7.75 -28.72
C LEU F 95 -24.31 -7.57 -27.26
N TYR F 96 -25.16 -6.90 -26.50
CA TYR F 96 -24.89 -6.59 -25.10
C TYR F 96 -25.61 -7.59 -24.19
N TYR F 97 -24.90 -8.11 -23.21
CA TYR F 97 -25.44 -9.06 -22.24
C TYR F 97 -25.42 -8.46 -20.85
N CYS F 98 -26.52 -8.58 -20.12
N CYS F 98 -26.53 -8.62 -20.16
CA CYS F 98 -26.41 -8.39 -18.69
CA CYS F 98 -26.59 -8.50 -18.71
C CYS F 98 -26.20 -9.74 -18.03
C CYS F 98 -26.13 -9.81 -18.07
N ALA F 99 -25.45 -9.72 -16.93
CA ALA F 99 -25.04 -10.93 -16.24
C ALA F 99 -25.05 -10.65 -14.75
N ALA F 100 -25.32 -11.69 -13.97
CA ALA F 100 -25.37 -11.56 -12.52
C ALA F 100 -24.56 -12.67 -11.88
N ALA F 101 -23.88 -12.31 -10.78
CA ALA F 101 -23.06 -13.25 -10.05
C ALA F 101 -23.40 -13.18 -8.57
N ALA F 102 -23.12 -14.30 -7.90
CA ALA F 102 -23.36 -14.51 -6.48
C ALA F 102 -22.09 -14.78 -5.66
N TRP F 103 -20.92 -14.88 -6.29
CA TRP F 103 -19.69 -15.26 -5.61
C TRP F 103 -18.88 -14.06 -5.12
N GLY F 104 -19.40 -12.84 -5.24
CA GLY F 104 -18.64 -11.66 -4.88
C GLY F 104 -18.47 -10.75 -6.08
N TYR F 105 -17.26 -10.23 -6.30
CA TYR F 105 -17.03 -9.35 -7.44
C TYR F 105 -15.63 -9.55 -8.00
N ALA F 106 -15.47 -9.23 -9.27
CA ALA F 106 -14.15 -9.36 -9.91
C ALA F 106 -14.14 -8.45 -11.12
N TRP F 107 -13.19 -7.51 -11.15
CA TRP F 107 -13.00 -6.59 -12.25
C TRP F 107 -11.52 -6.66 -12.67
N PRO F 108 -11.23 -6.81 -13.96
CA PRO F 108 -12.16 -6.82 -15.10
C PRO F 108 -13.05 -8.03 -15.16
N LEU F 109 -14.19 -7.88 -15.84
CA LEU F 109 -15.12 -8.99 -16.03
C LEU F 109 -14.50 -10.10 -16.87
N HIS F 110 -14.85 -11.33 -16.53
CA HIS F 110 -14.44 -12.49 -17.32
C HIS F 110 -15.63 -13.43 -17.45
N GLN F 111 -15.98 -13.74 -18.69
CA GLN F 111 -17.17 -14.55 -18.95
C GLN F 111 -17.06 -15.97 -18.43
N ASP F 112 -15.85 -16.45 -18.13
CA ASP F 112 -15.68 -17.82 -17.64
C ASP F 112 -15.94 -17.96 -16.14
N ASP F 113 -16.07 -16.88 -15.41
CA ASP F 113 -16.63 -16.98 -14.07
C ASP F 113 -18.08 -17.46 -14.17
N TYR F 114 -18.62 -17.97 -13.07
CA TYR F 114 -19.99 -18.51 -13.14
C TYR F 114 -20.97 -17.35 -13.11
N TRP F 115 -21.66 -17.12 -14.23
CA TRP F 115 -22.63 -16.05 -14.38
C TRP F 115 -23.99 -16.60 -14.74
N TYR F 116 -25.03 -15.90 -14.29
CA TYR F 116 -26.36 -16.01 -14.88
C TYR F 116 -26.45 -14.97 -15.98
N TRP F 117 -26.95 -15.37 -17.15
CA TRP F 117 -26.89 -14.54 -18.34
C TRP F 117 -28.28 -14.16 -18.83
N GLY F 118 -28.42 -12.91 -19.26
CA GLY F 118 -29.53 -12.53 -20.09
C GLY F 118 -29.40 -13.10 -21.49
N GLN F 119 -30.42 -12.83 -22.30
CA GLN F 119 -30.44 -13.36 -23.66
C GLN F 119 -29.67 -12.49 -24.64
N GLY F 120 -29.36 -11.25 -24.28
CA GLY F 120 -28.65 -10.37 -25.17
C GLY F 120 -29.57 -9.39 -25.88
N THR F 121 -29.12 -8.16 -26.07
CA THR F 121 -29.85 -7.16 -26.83
C THR F 121 -28.87 -6.47 -27.78
N GLN F 122 -29.27 -6.34 -29.04
CA GLN F 122 -28.36 -5.80 -30.05
C GLN F 122 -28.37 -4.28 -30.03
N VAL F 123 -27.18 -3.69 -30.14
CA VAL F 123 -27.01 -2.25 -30.29
C VAL F 123 -26.26 -2.02 -31.58
N THR F 124 -26.83 -1.23 -32.48
CA THR F 124 -26.21 -0.95 -33.77
C THR F 124 -26.12 0.55 -33.97
N VAL F 125 -24.90 1.05 -34.10
CA VAL F 125 -24.63 2.48 -34.22
C VAL F 125 -24.09 2.74 -35.63
N SER F 126 -24.77 3.61 -36.36
CA SER F 126 -24.42 3.88 -37.74
C SER F 126 -23.69 5.21 -37.86
N ALA F 127 -22.70 5.26 -38.76
CA ALA F 127 -21.98 6.49 -39.05
C ALA F 127 -22.85 7.46 -39.85
#